data_6CPO
#
_entry.id   6CPO
#
_cell.length_a   66.740
_cell.length_b   73.500
_cell.length_c   94.940
_cell.angle_alpha   90.00
_cell.angle_beta   106.95
_cell.angle_gamma   90.00
#
_symmetry.space_group_name_H-M   'P 1 21 1'
#
loop_
_entity.id
_entity.type
_entity.pdbx_description
1 polymer 'HLA class II histocompatibility antigen, DR alpha chain'
2 polymer 'HLA-DRB1 protein'
3 polymer RQ13
4 non-polymer 2-acetamido-2-deoxy-beta-D-glucopyranose
5 non-polymer 'TRIETHYLENE GLYCOL'
6 non-polymer 'PHOSPHATE ION'
7 water water
#
loop_
_entity_poly.entity_id
_entity_poly.type
_entity_poly.pdbx_seq_one_letter_code
_entity_poly.pdbx_strand_id
1 'polypeptide(L)'
;IKEEHVIIQAEFYLNPDQSGEFMFDFDGDEIFHVDMAKKETVWRLEEFGRFASFEAQGALANIAVDKANLEIMTKRSNYT
PITNVPPEVTVLTNSPVELREPNVLICFIDKFTPPVVNVTWLRNGKPVTTGVSETVFLPREDHLFRKFHYLPFLPSTEDV
YDCRVEHWGLDEPLLKHWEFDT
;
A,D
2 'polypeptide(L)'
;GDTRPRFLWQPKRECHFFNGTERVRFLDRYFYNQEESVRFDSDVGEFRAVTELGRPDAEYWNSQKDILEQARAAVDTYCR
HNYGVGESFTVQRRVQPKVTVYPSKTQPLQHHNLLVCSVSGFYPGSIEVRWFLNGQEEKAGMVSTGLIQNGDWTFQTLVM
LETVPRSGEVYTCQVEHPSVTSPLTVEWRA
;
B,E
3 'polypeptide(L)' RFYKTLRAEQASQ C,F
#
# COMPACT_ATOMS: atom_id res chain seq x y z
N GLU A 4 -5.41 -8.96 12.30
CA GLU A 4 -5.36 -8.48 10.92
C GLU A 4 -4.58 -9.43 10.00
N HIS A 5 -5.28 -10.03 9.04
CA HIS A 5 -4.72 -10.99 8.09
C HIS A 5 -5.26 -10.73 6.69
N VAL A 6 -4.57 -11.27 5.67
CA VAL A 6 -4.93 -11.14 4.26
C VAL A 6 -4.77 -12.48 3.54
N ILE A 7 -5.84 -12.97 2.90
CA ILE A 7 -5.81 -14.17 2.06
C ILE A 7 -6.00 -13.70 0.60
N ILE A 8 -5.07 -14.06 -0.30
CA ILE A 8 -5.14 -13.67 -1.71
C ILE A 8 -5.12 -14.91 -2.59
N GLN A 9 -6.08 -15.01 -3.50
CA GLN A 9 -6.10 -16.05 -4.51
C GLN A 9 -5.53 -15.35 -5.73
N ALA A 10 -4.24 -15.59 -6.00
CA ALA A 10 -3.55 -14.94 -7.11
C ALA A 10 -3.37 -15.88 -8.29
N GLU A 11 -3.83 -15.43 -9.46
CA GLU A 11 -3.72 -16.19 -10.70
C GLU A 11 -3.07 -15.33 -11.76
N PHE A 12 -2.66 -15.97 -12.86
CA PHE A 12 -2.12 -15.28 -14.01
C PHE A 12 -2.10 -16.15 -15.24
N TYR A 13 -2.18 -15.50 -16.40
CA TYR A 13 -2.00 -16.12 -17.69
C TYR A 13 -1.12 -15.22 -18.50
N LEU A 14 -0.11 -15.81 -19.14
CA LEU A 14 0.86 -15.08 -19.93
C LEU A 14 0.99 -15.65 -21.35
N ASN A 15 0.96 -14.75 -22.35
CA ASN A 15 1.16 -15.07 -23.76
C ASN A 15 2.42 -14.34 -24.26
N PRO A 16 3.16 -14.86 -25.27
CA PRO A 16 2.91 -16.09 -26.05
C PRO A 16 3.38 -17.39 -25.37
N ASP A 17 3.94 -17.28 -24.16
CA ASP A 17 4.49 -18.38 -23.35
C ASP A 17 3.50 -19.48 -23.02
N GLN A 18 2.19 -19.12 -22.95
CA GLN A 18 1.07 -20.00 -22.58
C GLN A 18 1.25 -20.52 -21.15
N SER A 19 1.89 -19.69 -20.32
CA SER A 19 2.19 -19.93 -18.92
C SER A 19 1.02 -19.47 -18.06
N GLY A 20 0.66 -20.28 -17.07
CA GLY A 20 -0.44 -19.99 -16.19
C GLY A 20 -0.27 -20.60 -14.82
N GLU A 21 -0.56 -19.83 -13.76
CA GLU A 21 -0.45 -20.31 -12.38
C GLU A 21 -1.60 -19.85 -11.52
N PHE A 22 -1.92 -20.63 -10.48
CA PHE A 22 -2.99 -20.39 -9.52
C PHE A 22 -2.43 -20.72 -8.16
N MET A 23 -2.56 -19.80 -7.20
CA MET A 23 -2.06 -20.01 -5.84
C MET A 23 -2.85 -19.25 -4.80
N PHE A 24 -2.72 -19.66 -3.54
CA PHE A 24 -3.31 -18.99 -2.39
C PHE A 24 -2.17 -18.46 -1.53
N ASP A 25 -2.28 -17.20 -1.13
CA ASP A 25 -1.32 -16.48 -0.33
C ASP A 25 -1.98 -16.06 0.99
N PHE A 26 -1.27 -16.21 2.11
CA PHE A 26 -1.69 -15.81 3.45
C PHE A 26 -0.58 -14.95 4.03
N ASP A 27 -0.83 -13.63 4.21
CA ASP A 27 0.12 -12.66 4.76
C ASP A 27 1.54 -12.69 4.10
N GLY A 28 1.59 -12.82 2.79
CA GLY A 28 2.84 -12.86 2.03
C GLY A 28 3.45 -14.24 1.84
N ASP A 29 2.87 -15.26 2.50
CA ASP A 29 3.33 -16.66 2.43
C ASP A 29 2.35 -17.52 1.64
N GLU A 30 2.86 -18.45 0.84
CA GLU A 30 2.06 -19.33 0.00
C GLU A 30 1.44 -20.48 0.79
N ILE A 31 0.11 -20.68 0.71
CA ILE A 31 -0.54 -21.81 1.37
C ILE A 31 -0.35 -23.03 0.45
N PHE A 32 -0.76 -22.88 -0.81
CA PHE A 32 -0.65 -23.91 -1.83
C PHE A 32 -0.71 -23.27 -3.23
N HIS A 33 -0.38 -24.06 -4.25
CA HIS A 33 -0.48 -23.69 -5.65
C HIS A 33 -0.93 -24.91 -6.43
N VAL A 34 -1.37 -24.71 -7.67
CA VAL A 34 -1.78 -25.81 -8.51
C VAL A 34 -0.87 -25.87 -9.74
N ASP A 35 -0.20 -27.03 -9.94
CA ASP A 35 0.68 -27.26 -11.07
C ASP A 35 -0.14 -27.52 -12.34
N MET A 36 0.12 -26.74 -13.41
CA MET A 36 -0.59 -26.89 -14.69
C MET A 36 -0.09 -28.10 -15.50
N ALA A 37 1.18 -28.51 -15.32
CA ALA A 37 1.78 -29.68 -15.98
C ALA A 37 0.99 -30.93 -15.58
N LYS A 38 0.67 -31.06 -14.27
CA LYS A 38 -0.15 -32.13 -13.71
C LYS A 38 -1.54 -31.52 -13.41
N LYS A 39 -2.26 -32.07 -12.43
CA LYS A 39 -3.58 -31.61 -12.00
C LYS A 39 -3.62 -31.82 -10.48
N GLU A 40 -2.54 -31.40 -9.79
CA GLU A 40 -2.38 -31.61 -8.35
C GLU A 40 -2.17 -30.33 -7.53
N THR A 41 -2.81 -30.30 -6.34
CA THR A 41 -2.69 -29.23 -5.37
C THR A 41 -1.38 -29.47 -4.61
N VAL A 42 -0.38 -28.60 -4.84
CA VAL A 42 0.93 -28.68 -4.21
C VAL A 42 0.94 -27.75 -2.98
N TRP A 43 0.96 -28.34 -1.77
CA TRP A 43 0.99 -27.61 -0.49
C TRP A 43 2.40 -27.12 -0.22
N ARG A 44 2.53 -25.92 0.38
CA ARG A 44 3.83 -25.31 0.68
C ARG A 44 4.58 -26.10 1.74
N LEU A 45 3.87 -26.53 2.80
CA LEU A 45 4.39 -27.37 3.85
C LEU A 45 3.51 -28.62 3.90
N GLU A 46 4.13 -29.79 4.19
CA GLU A 46 3.47 -31.12 4.27
C GLU A 46 2.21 -31.10 5.14
N GLU A 47 2.32 -30.54 6.35
CA GLU A 47 1.26 -30.45 7.38
C GLU A 47 -0.04 -29.82 6.89
N PHE A 48 0.03 -28.85 5.95
CA PHE A 48 -1.14 -28.17 5.41
C PHE A 48 -2.11 -29.13 4.72
N GLY A 49 -1.57 -30.09 3.98
CA GLY A 49 -2.32 -31.12 3.26
C GLY A 49 -3.03 -32.13 4.14
N ARG A 50 -2.63 -32.21 5.42
CA ARG A 50 -3.19 -33.12 6.43
C ARG A 50 -4.34 -32.46 7.19
N PHE A 51 -4.38 -31.12 7.21
CA PHE A 51 -5.40 -30.33 7.89
C PHE A 51 -6.43 -29.70 6.94
N ALA A 52 -6.08 -29.57 5.64
CA ALA A 52 -6.96 -28.98 4.63
C ALA A 52 -6.90 -29.74 3.30
N SER A 53 -7.75 -29.34 2.34
CA SER A 53 -7.82 -29.94 0.99
C SER A 53 -8.31 -28.95 -0.07
N PHE A 54 -8.00 -29.24 -1.34
CA PHE A 54 -8.40 -28.40 -2.47
C PHE A 54 -8.57 -29.21 -3.74
N GLU A 55 -9.64 -28.92 -4.50
CA GLU A 55 -9.92 -29.58 -5.77
C GLU A 55 -9.21 -28.82 -6.89
N ALA A 56 -8.09 -29.38 -7.36
CA ALA A 56 -7.24 -28.80 -8.42
C ALA A 56 -7.99 -28.43 -9.70
N GLN A 57 -9.11 -29.11 -9.97
CA GLN A 57 -9.99 -28.90 -11.13
C GLN A 57 -10.51 -27.47 -11.23
N GLY A 58 -10.80 -26.86 -10.06
CA GLY A 58 -11.25 -25.48 -9.94
C GLY A 58 -10.22 -24.50 -10.47
N ALA A 59 -8.93 -24.77 -10.17
CA ALA A 59 -7.80 -23.96 -10.61
C ALA A 59 -7.58 -24.04 -12.12
N LEU A 60 -7.65 -25.25 -12.68
CA LEU A 60 -7.50 -25.49 -14.13
C LEU A 60 -8.63 -24.83 -14.92
N ALA A 61 -9.86 -24.81 -14.36
CA ALA A 61 -11.04 -24.17 -14.96
C ALA A 61 -10.90 -22.64 -14.95
N ASN A 62 -10.34 -22.07 -13.86
CA ASN A 62 -10.10 -20.63 -13.73
C ASN A 62 -9.02 -20.16 -14.69
N ILE A 63 -7.96 -20.99 -14.87
CA ILE A 63 -6.85 -20.70 -15.78
C ILE A 63 -7.33 -20.68 -17.23
N ALA A 64 -8.34 -21.51 -17.57
CA ALA A 64 -8.94 -21.58 -18.91
C ALA A 64 -9.71 -20.28 -19.20
N VAL A 65 -10.41 -19.73 -18.18
CA VAL A 65 -11.16 -18.48 -18.25
C VAL A 65 -10.18 -17.29 -18.38
N ASP A 66 -9.06 -17.30 -17.60
CA ASP A 66 -8.02 -16.27 -17.62
C ASP A 66 -7.37 -16.15 -18.98
N LYS A 67 -7.12 -17.31 -19.62
CA LYS A 67 -6.54 -17.42 -20.95
C LYS A 67 -7.45 -16.74 -21.98
N ALA A 68 -8.77 -17.02 -21.92
CA ALA A 68 -9.77 -16.44 -22.82
C ALA A 68 -9.87 -14.93 -22.58
N ASN A 69 -9.83 -14.51 -21.30
CA ASN A 69 -9.88 -13.12 -20.88
C ASN A 69 -8.65 -12.34 -21.36
N LEU A 70 -7.46 -12.99 -21.33
CA LEU A 70 -6.21 -12.39 -21.81
C LEU A 70 -6.32 -12.10 -23.30
N GLU A 71 -6.88 -13.05 -24.09
CA GLU A 71 -7.08 -12.90 -25.52
C GLU A 71 -7.93 -11.67 -25.83
N ILE A 72 -9.06 -11.50 -25.10
CA ILE A 72 -9.99 -10.37 -25.19
C ILE A 72 -9.26 -9.06 -24.88
N MET A 73 -8.48 -9.06 -23.79
CA MET A 73 -7.71 -7.92 -23.30
C MET A 73 -6.58 -7.51 -24.22
N THR A 74 -5.91 -8.48 -24.85
CA THR A 74 -4.81 -8.23 -25.79
C THR A 74 -5.37 -7.49 -27.01
N LYS A 75 -6.53 -7.96 -27.53
CA LYS A 75 -7.23 -7.37 -28.67
C LYS A 75 -7.77 -5.98 -28.30
N ARG A 76 -8.42 -5.84 -27.13
CA ARG A 76 -9.00 -4.59 -26.65
C ARG A 76 -7.96 -3.47 -26.45
N SER A 77 -6.75 -3.82 -25.99
CA SER A 77 -5.67 -2.85 -25.79
C SER A 77 -4.94 -2.52 -27.11
N ASN A 78 -5.35 -3.16 -28.22
CA ASN A 78 -4.77 -3.01 -29.55
C ASN A 78 -3.30 -3.46 -29.54
N TYR A 79 -3.10 -4.64 -28.90
CA TYR A 79 -1.87 -5.42 -28.75
C TYR A 79 -0.74 -4.62 -28.05
N THR A 80 -1.08 -3.93 -26.95
CA THR A 80 -0.12 -3.18 -26.13
C THR A 80 0.62 -4.20 -25.25
N PRO A 81 1.96 -4.33 -25.41
CA PRO A 81 2.69 -5.31 -24.60
C PRO A 81 3.05 -4.82 -23.20
N ILE A 82 3.44 -5.77 -22.31
CA ILE A 82 3.90 -5.48 -20.95
C ILE A 82 5.28 -4.84 -21.03
N THR A 83 5.57 -3.94 -20.08
CA THR A 83 6.87 -3.30 -19.96
C THR A 83 7.65 -4.21 -19.01
N ASN A 84 8.86 -4.61 -19.40
CA ASN A 84 9.72 -5.46 -18.59
C ASN A 84 10.26 -4.72 -17.39
N VAL A 85 10.07 -5.29 -16.20
CA VAL A 85 10.58 -4.74 -14.95
C VAL A 85 11.63 -5.78 -14.50
N PRO A 86 12.93 -5.42 -14.53
CA PRO A 86 13.96 -6.41 -14.16
C PRO A 86 13.99 -6.69 -12.65
N PRO A 87 14.36 -7.92 -12.23
CA PRO A 87 14.39 -8.21 -10.79
C PRO A 87 15.62 -7.74 -10.05
N GLU A 88 15.47 -7.63 -8.72
CA GLU A 88 16.55 -7.38 -7.79
C GLU A 88 16.76 -8.71 -7.06
N VAL A 89 18.01 -9.16 -7.01
CA VAL A 89 18.37 -10.47 -6.47
C VAL A 89 19.17 -10.33 -5.18
N THR A 90 18.83 -11.15 -4.17
CA THR A 90 19.50 -11.20 -2.88
C THR A 90 19.80 -12.64 -2.52
N VAL A 91 21.03 -12.93 -2.09
CA VAL A 91 21.44 -14.25 -1.63
C VAL A 91 21.68 -14.19 -0.14
N LEU A 92 21.01 -15.06 0.59
CA LEU A 92 21.10 -15.15 2.04
C LEU A 92 21.04 -16.62 2.51
N THR A 93 21.36 -16.88 3.78
CA THR A 93 21.27 -18.21 4.37
C THR A 93 20.10 -18.18 5.36
N ASN A 94 19.37 -19.30 5.54
CA ASN A 94 18.22 -19.31 6.47
C ASN A 94 18.59 -19.09 7.94
N SER A 95 19.86 -19.28 8.32
CA SER A 95 20.36 -19.05 9.67
C SER A 95 21.86 -18.65 9.64
N PRO A 96 22.42 -18.03 10.72
CA PRO A 96 23.86 -17.71 10.68
C PRO A 96 24.70 -18.96 10.41
N VAL A 97 25.64 -18.83 9.45
CA VAL A 97 26.47 -19.91 8.92
C VAL A 97 27.53 -20.42 9.90
N GLU A 98 27.51 -21.74 10.15
CA GLU A 98 28.47 -22.44 11.00
C GLU A 98 29.17 -23.51 10.18
N LEU A 99 30.51 -23.40 10.10
CA LEU A 99 31.41 -24.28 9.34
C LEU A 99 31.15 -25.78 9.59
N ARG A 100 30.85 -26.52 8.50
CA ARG A 100 30.55 -27.96 8.43
C ARG A 100 29.24 -28.35 9.18
N GLU A 101 28.34 -27.36 9.38
CA GLU A 101 27.01 -27.57 9.99
C GLU A 101 25.95 -27.22 8.92
N PRO A 102 25.18 -28.23 8.42
CA PRO A 102 24.22 -27.97 7.32
C PRO A 102 23.32 -26.73 7.46
N ASN A 103 23.17 -26.01 6.34
CA ASN A 103 22.37 -24.81 6.21
C ASN A 103 21.66 -24.81 4.84
N VAL A 104 20.94 -23.71 4.50
CA VAL A 104 20.24 -23.56 3.21
C VAL A 104 20.53 -22.19 2.61
N LEU A 105 20.96 -22.16 1.35
CA LEU A 105 21.17 -20.92 0.59
C LEU A 105 19.85 -20.55 -0.09
N ILE A 106 19.39 -19.32 0.16
CA ILE A 106 18.16 -18.77 -0.38
C ILE A 106 18.50 -17.70 -1.42
N CYS A 107 17.99 -17.86 -2.64
CA CYS A 107 18.13 -16.86 -3.67
C CYS A 107 16.76 -16.18 -3.81
N PHE A 108 16.66 -14.95 -3.30
CA PHE A 108 15.43 -14.16 -3.34
C PHE A 108 15.40 -13.30 -4.60
N ILE A 109 14.47 -13.61 -5.51
CA ILE A 109 14.27 -12.90 -6.78
C ILE A 109 13.01 -12.06 -6.54
N ASP A 110 13.13 -10.73 -6.64
CA ASP A 110 12.06 -9.80 -6.29
C ASP A 110 11.86 -8.64 -7.26
N LYS A 111 10.62 -8.07 -7.25
CA LYS A 111 10.18 -6.86 -7.98
C LYS A 111 10.36 -6.97 -9.51
N PHE A 112 9.79 -8.01 -10.11
CA PHE A 112 9.90 -8.22 -11.54
C PHE A 112 8.60 -8.62 -12.22
N THR A 113 8.51 -8.36 -13.54
CA THR A 113 7.42 -8.74 -14.41
C THR A 113 7.94 -8.74 -15.87
N PRO A 114 7.52 -9.64 -16.79
CA PRO A 114 6.54 -10.74 -16.66
C PRO A 114 7.04 -11.89 -15.76
N PRO A 115 6.15 -12.82 -15.31
CA PRO A 115 6.64 -13.92 -14.46
C PRO A 115 7.35 -15.03 -15.25
N VAL A 116 8.53 -14.70 -15.79
CA VAL A 116 9.42 -15.61 -16.52
C VAL A 116 10.85 -15.30 -16.08
N VAL A 117 11.55 -16.32 -15.55
CA VAL A 117 12.91 -16.17 -15.06
C VAL A 117 13.70 -17.48 -15.16
N ASN A 118 15.00 -17.39 -15.48
CA ASN A 118 15.90 -18.54 -15.51
C ASN A 118 16.84 -18.35 -14.34
N VAL A 119 16.72 -19.23 -13.34
CA VAL A 119 17.52 -19.18 -12.11
C VAL A 119 18.43 -20.41 -12.02
N THR A 120 19.75 -20.18 -11.86
CA THR A 120 20.75 -21.24 -11.78
C THR A 120 21.69 -21.04 -10.58
N TRP A 121 21.79 -22.05 -9.71
CA TRP A 121 22.75 -22.03 -8.59
C TRP A 121 24.09 -22.45 -9.15
N LEU A 122 25.18 -21.82 -8.67
CA LEU A 122 26.52 -22.13 -9.14
C LEU A 122 27.43 -22.39 -7.97
N ARG A 123 28.07 -23.58 -7.93
CA ARG A 123 29.04 -23.92 -6.89
C ARG A 123 30.40 -23.89 -7.61
N ASN A 124 31.24 -22.90 -7.26
CA ASN A 124 32.57 -22.66 -7.86
C ASN A 124 32.50 -22.48 -9.39
N GLY A 125 31.42 -21.83 -9.84
CA GLY A 125 31.17 -21.55 -11.26
C GLY A 125 30.44 -22.63 -12.01
N LYS A 126 30.19 -23.79 -11.37
CA LYS A 126 29.53 -24.94 -12.00
C LYS A 126 28.03 -25.02 -11.65
N PRO A 127 27.12 -25.31 -12.62
CA PRO A 127 25.69 -25.41 -12.27
C PRO A 127 25.37 -26.56 -11.33
N VAL A 128 24.41 -26.34 -10.43
CA VAL A 128 23.94 -27.34 -9.47
C VAL A 128 22.51 -27.69 -9.90
N THR A 129 22.32 -28.93 -10.38
CA THR A 129 21.04 -29.43 -10.89
C THR A 129 20.24 -30.22 -9.84
N THR A 130 20.92 -30.87 -8.89
CA THR A 130 20.30 -31.70 -7.85
C THR A 130 20.33 -31.02 -6.47
N GLY A 131 19.35 -31.38 -5.63
CA GLY A 131 19.20 -30.87 -4.27
C GLY A 131 18.48 -29.54 -4.20
N VAL A 132 18.32 -28.87 -5.35
CA VAL A 132 17.70 -27.56 -5.47
C VAL A 132 16.17 -27.63 -5.47
N SER A 133 15.52 -26.65 -4.84
CA SER A 133 14.06 -26.51 -4.82
C SER A 133 13.69 -25.06 -5.10
N GLU A 134 12.45 -24.82 -5.56
CA GLU A 134 11.98 -23.49 -5.90
C GLU A 134 10.50 -23.29 -5.61
N THR A 135 10.08 -22.03 -5.46
CA THR A 135 8.68 -21.68 -5.27
C THR A 135 8.10 -21.27 -6.64
N VAL A 136 6.77 -21.08 -6.70
CA VAL A 136 6.09 -20.56 -7.90
C VAL A 136 6.25 -19.03 -7.90
N PHE A 137 5.60 -18.35 -8.85
CA PHE A 137 5.66 -16.89 -8.90
C PHE A 137 4.68 -16.33 -7.88
N LEU A 138 5.21 -15.70 -6.81
CA LEU A 138 4.46 -15.16 -5.68
C LEU A 138 4.00 -13.71 -5.90
N PRO A 139 2.80 -13.33 -5.42
CA PRO A 139 2.34 -11.95 -5.64
C PRO A 139 2.94 -10.91 -4.72
N ARG A 140 2.83 -9.63 -5.14
CA ARG A 140 3.28 -8.45 -4.39
C ARG A 140 2.19 -7.38 -4.46
N GLU A 141 2.17 -6.48 -3.47
CA GLU A 141 1.24 -5.34 -3.35
C GLU A 141 1.30 -4.40 -4.58
N ASP A 142 2.48 -4.28 -5.24
CA ASP A 142 2.71 -3.43 -6.41
C ASP A 142 2.43 -4.16 -7.74
N HIS A 143 1.97 -5.43 -7.64
CA HIS A 143 1.55 -6.36 -8.70
C HIS A 143 2.72 -6.88 -9.55
N LEU A 144 3.93 -6.80 -8.98
CA LEU A 144 5.13 -7.40 -9.53
C LEU A 144 5.20 -8.81 -8.90
N PHE A 145 6.23 -9.58 -9.24
CA PHE A 145 6.36 -10.94 -8.72
C PHE A 145 7.58 -11.14 -7.82
N ARG A 146 7.50 -12.16 -6.95
CA ARG A 146 8.52 -12.63 -6.01
C ARG A 146 8.76 -14.11 -6.34
N LYS A 147 9.96 -14.62 -6.05
CA LYS A 147 10.31 -16.03 -6.24
C LYS A 147 11.49 -16.36 -5.35
N PHE A 148 11.49 -17.58 -4.79
CA PHE A 148 12.58 -18.09 -3.95
C PHE A 148 13.13 -19.37 -4.56
N HIS A 149 14.45 -19.50 -4.51
CA HIS A 149 15.20 -20.69 -4.96
C HIS A 149 16.06 -21.12 -3.78
N TYR A 150 16.05 -22.41 -3.47
CA TYR A 150 16.74 -22.96 -2.31
C TYR A 150 17.81 -23.98 -2.66
N LEU A 151 18.94 -23.91 -1.96
CA LEU A 151 20.04 -24.86 -2.11
C LEU A 151 20.63 -25.26 -0.75
N PRO A 152 20.25 -26.46 -0.23
CA PRO A 152 20.84 -26.92 1.04
C PRO A 152 22.32 -27.24 0.79
N PHE A 153 23.17 -26.96 1.78
CA PHE A 153 24.61 -27.13 1.62
C PHE A 153 25.36 -27.36 2.92
N LEU A 154 26.58 -27.89 2.79
CA LEU A 154 27.50 -28.11 3.90
C LEU A 154 28.53 -26.98 3.82
N PRO A 155 28.43 -25.97 4.72
CA PRO A 155 29.36 -24.84 4.66
C PRO A 155 30.83 -25.21 4.85
N SER A 156 31.68 -24.71 3.94
CA SER A 156 33.13 -24.91 3.92
C SER A 156 33.79 -23.64 3.38
N THR A 157 35.11 -23.48 3.60
CA THR A 157 35.87 -22.33 3.14
C THR A 157 36.39 -22.50 1.69
N GLU A 158 36.20 -23.71 1.11
CA GLU A 158 36.66 -24.06 -0.24
C GLU A 158 35.57 -23.97 -1.33
N ASP A 159 34.27 -23.91 -0.92
CA ASP A 159 33.15 -23.82 -1.85
C ASP A 159 32.49 -22.43 -1.85
N VAL A 160 32.51 -21.74 -3.00
CA VAL A 160 31.86 -20.43 -3.22
C VAL A 160 30.56 -20.62 -4.02
N TYR A 161 29.55 -19.79 -3.76
CA TYR A 161 28.26 -19.90 -4.43
C TYR A 161 27.82 -18.61 -5.09
N ASP A 162 27.10 -18.73 -6.20
CA ASP A 162 26.53 -17.63 -6.96
C ASP A 162 25.17 -18.04 -7.48
N CYS A 163 24.18 -17.13 -7.35
CA CYS A 163 22.85 -17.37 -7.92
C CYS A 163 22.78 -16.53 -9.18
N ARG A 164 22.65 -17.19 -10.35
CA ARG A 164 22.57 -16.49 -11.62
C ARG A 164 21.10 -16.42 -12.06
N VAL A 165 20.62 -15.19 -12.28
CA VAL A 165 19.24 -14.90 -12.67
C VAL A 165 19.20 -14.21 -14.03
N GLU A 166 18.37 -14.73 -14.95
CA GLU A 166 18.15 -14.21 -16.30
C GLU A 166 16.70 -13.77 -16.43
N HIS A 167 16.48 -12.57 -16.98
CA HIS A 167 15.16 -11.97 -17.18
C HIS A 167 15.24 -11.02 -18.38
N TRP A 168 14.16 -10.93 -19.17
CA TRP A 168 14.10 -10.09 -20.38
C TRP A 168 14.30 -8.58 -20.13
N GLY A 169 14.14 -8.15 -18.88
CA GLY A 169 14.37 -6.78 -18.46
C GLY A 169 15.82 -6.50 -18.13
N LEU A 170 16.67 -7.56 -18.08
CA LEU A 170 18.10 -7.47 -17.77
C LEU A 170 18.95 -7.55 -19.04
N ASP A 171 19.96 -6.68 -19.15
CA ASP A 171 20.89 -6.61 -20.30
C ASP A 171 21.75 -7.88 -20.36
N GLU A 172 22.27 -8.29 -19.18
CA GLU A 172 23.07 -9.50 -18.99
C GLU A 172 22.60 -10.25 -17.71
N PRO A 173 22.91 -11.54 -17.52
CA PRO A 173 22.45 -12.22 -16.29
C PRO A 173 23.00 -11.57 -15.02
N LEU A 174 22.17 -11.56 -13.98
CA LEU A 174 22.54 -11.00 -12.68
C LEU A 174 23.09 -12.12 -11.79
N LEU A 175 24.30 -11.91 -11.26
CA LEU A 175 24.97 -12.88 -10.39
C LEU A 175 25.18 -12.35 -8.98
N LYS A 176 24.58 -13.04 -7.99
CA LYS A 176 24.70 -12.66 -6.59
C LYS A 176 25.50 -13.71 -5.83
N HIS A 177 26.58 -13.26 -5.17
CA HIS A 177 27.58 -14.08 -4.49
C HIS A 177 27.31 -14.39 -3.01
N TRP A 178 27.88 -15.52 -2.54
CA TRP A 178 27.91 -15.97 -1.15
C TRP A 178 29.12 -16.85 -0.91
N GLU A 179 29.87 -16.52 0.15
CA GLU A 179 31.02 -17.27 0.62
C GLU A 179 31.12 -17.14 2.14
N PHE A 180 31.71 -18.15 2.80
CA PHE A 180 31.87 -18.16 4.26
C PHE A 180 32.89 -17.09 4.68
N ASP A 181 32.57 -16.33 5.75
CA ASP A 181 33.47 -15.30 6.27
C ASP A 181 33.54 -15.29 7.79
N ASP B 2 14.63 -13.76 -26.05
CA ASP B 2 13.27 -13.68 -26.61
C ASP B 2 12.75 -12.24 -26.53
N THR B 3 12.83 -11.51 -27.67
CA THR B 3 12.38 -10.12 -27.78
C THR B 3 10.88 -9.96 -28.10
N ARG B 4 10.15 -11.10 -28.27
CA ARG B 4 8.72 -11.09 -28.57
C ARG B 4 7.91 -10.36 -27.48
N PRO B 5 6.91 -9.53 -27.86
CA PRO B 5 6.10 -8.83 -26.85
C PRO B 5 5.27 -9.78 -25.98
N ARG B 6 5.13 -9.44 -24.70
CA ARG B 6 4.38 -10.25 -23.74
C ARG B 6 3.08 -9.58 -23.32
N PHE B 7 2.08 -10.39 -22.99
CA PHE B 7 0.76 -9.95 -22.57
C PHE B 7 0.36 -10.73 -21.34
N LEU B 8 0.09 -10.01 -20.22
CA LEU B 8 -0.21 -10.65 -18.93
C LEU B 8 -1.56 -10.25 -18.35
N TRP B 9 -2.32 -11.26 -17.89
CA TRP B 9 -3.62 -11.09 -17.22
C TRP B 9 -3.47 -11.59 -15.79
N GLN B 10 -3.71 -10.71 -14.81
CA GLN B 10 -3.55 -11.03 -13.41
C GLN B 10 -4.81 -10.88 -12.55
N PRO B 11 -5.68 -11.90 -12.41
CA PRO B 11 -6.78 -11.76 -11.44
C PRO B 11 -6.25 -11.91 -10.01
N LYS B 12 -6.74 -11.08 -9.08
CA LYS B 12 -6.40 -11.12 -7.66
C LYS B 12 -7.67 -11.04 -6.83
N ARG B 13 -8.00 -12.14 -6.13
CA ARG B 13 -9.17 -12.22 -5.25
C ARG B 13 -8.69 -12.09 -3.82
N GLU B 14 -8.86 -10.89 -3.24
CA GLU B 14 -8.37 -10.55 -1.91
C GLU B 14 -9.44 -10.58 -0.83
N CYS B 15 -9.07 -11.12 0.36
CA CYS B 15 -9.88 -11.25 1.56
C CYS B 15 -9.11 -10.57 2.71
N HIS B 16 -9.59 -9.39 3.14
CA HIS B 16 -8.95 -8.60 4.20
C HIS B 16 -9.73 -8.79 5.50
N PHE B 17 -9.04 -9.23 6.55
CA PHE B 17 -9.65 -9.54 7.84
C PHE B 17 -9.23 -8.57 8.93
N PHE B 18 -10.21 -8.14 9.74
CA PHE B 18 -10.04 -7.22 10.87
C PHE B 18 -10.79 -7.84 12.04
N ASN B 19 -10.14 -7.94 13.21
CA ASN B 19 -10.66 -8.55 14.45
C ASN B 19 -11.22 -9.95 14.16
N GLY B 20 -10.38 -10.80 13.57
CA GLY B 20 -10.73 -12.15 13.18
C GLY B 20 -11.63 -12.13 11.96
N THR B 21 -12.93 -12.46 12.14
CA THR B 21 -13.92 -12.43 11.07
C THR B 21 -15.02 -11.41 11.34
N GLU B 22 -14.82 -10.50 12.33
CA GLU B 22 -15.78 -9.46 12.68
C GLU B 22 -16.05 -8.53 11.49
N ARG B 23 -14.99 -7.95 10.93
CA ARG B 23 -15.06 -7.10 9.75
C ARG B 23 -14.20 -7.74 8.65
N VAL B 24 -14.83 -8.08 7.53
CA VAL B 24 -14.18 -8.72 6.39
C VAL B 24 -14.48 -7.89 5.13
N ARG B 25 -13.44 -7.61 4.31
CA ARG B 25 -13.57 -6.88 3.05
C ARG B 25 -13.02 -7.71 1.88
N PHE B 26 -13.84 -7.88 0.85
CA PHE B 26 -13.50 -8.63 -0.35
C PHE B 26 -13.26 -7.71 -1.55
N LEU B 27 -12.16 -7.95 -2.29
CA LEU B 27 -11.80 -7.22 -3.50
C LEU B 27 -11.45 -8.21 -4.62
N ASP B 28 -12.17 -8.13 -5.75
CA ASP B 28 -11.91 -8.95 -6.93
C ASP B 28 -11.30 -7.99 -7.93
N ARG B 29 -9.97 -8.02 -8.05
CA ARG B 29 -9.20 -7.09 -8.87
C ARG B 29 -8.57 -7.74 -10.10
N TYR B 30 -8.52 -6.99 -11.21
CA TYR B 30 -7.97 -7.49 -12.45
C TYR B 30 -6.90 -6.55 -12.97
N PHE B 31 -5.72 -7.11 -13.31
CA PHE B 31 -4.57 -6.34 -13.82
C PHE B 31 -4.16 -6.84 -15.19
N TYR B 32 -4.11 -5.93 -16.17
CA TYR B 32 -3.64 -6.23 -17.53
C TYR B 32 -2.30 -5.51 -17.68
N ASN B 33 -1.22 -6.30 -17.87
CA ASN B 33 0.16 -5.80 -17.99
C ASN B 33 0.55 -4.91 -16.79
N GLN B 34 0.29 -5.42 -15.55
CA GLN B 34 0.57 -4.83 -14.24
C GLN B 34 -0.33 -3.62 -13.88
N GLU B 35 -1.27 -3.24 -14.77
CA GLU B 35 -2.16 -2.11 -14.57
C GLU B 35 -3.61 -2.54 -14.30
N GLU B 36 -4.15 -2.14 -13.14
CA GLU B 36 -5.53 -2.45 -12.71
C GLU B 36 -6.51 -1.81 -13.67
N SER B 37 -7.39 -2.63 -14.27
CA SER B 37 -8.38 -2.16 -15.23
C SER B 37 -9.80 -2.13 -14.65
N VAL B 38 -10.15 -3.13 -13.83
CA VAL B 38 -11.50 -3.26 -13.25
C VAL B 38 -11.44 -3.95 -11.87
N ARG B 39 -12.35 -3.58 -10.97
CA ARG B 39 -12.37 -4.08 -9.61
C ARG B 39 -13.76 -4.11 -8.99
N PHE B 40 -14.04 -5.16 -8.21
CA PHE B 40 -15.21 -5.27 -7.34
C PHE B 40 -14.69 -5.09 -5.92
N ASP B 41 -15.28 -4.16 -5.18
CA ASP B 41 -14.94 -3.90 -3.78
C ASP B 41 -16.23 -4.06 -2.99
N SER B 42 -16.22 -4.93 -1.95
CA SER B 42 -17.36 -5.21 -1.08
C SER B 42 -17.96 -3.97 -0.41
N ASP B 43 -17.12 -2.94 -0.18
CA ASP B 43 -17.50 -1.65 0.41
C ASP B 43 -18.28 -0.79 -0.60
N VAL B 44 -18.20 -1.14 -1.90
CA VAL B 44 -18.90 -0.45 -2.98
C VAL B 44 -20.16 -1.28 -3.34
N GLY B 45 -20.02 -2.60 -3.46
CA GLY B 45 -21.14 -3.48 -3.76
C GLY B 45 -21.36 -3.75 -5.23
N GLU B 46 -20.51 -3.16 -6.10
CA GLU B 46 -20.56 -3.41 -7.54
C GLU B 46 -19.22 -3.13 -8.18
N PHE B 47 -19.05 -3.58 -9.44
CA PHE B 47 -17.83 -3.44 -10.21
C PHE B 47 -17.63 -2.00 -10.65
N ARG B 48 -16.37 -1.54 -10.60
CA ARG B 48 -15.99 -0.19 -11.02
C ARG B 48 -14.77 -0.28 -11.89
N ALA B 49 -14.75 0.51 -12.98
CA ALA B 49 -13.61 0.58 -13.89
C ALA B 49 -12.53 1.43 -13.25
N VAL B 50 -11.28 0.95 -13.31
CA VAL B 50 -10.10 1.62 -12.77
C VAL B 50 -9.45 2.40 -13.93
N THR B 51 -9.51 1.83 -15.15
CA THR B 51 -9.03 2.43 -16.40
C THR B 51 -10.17 2.32 -17.42
N GLU B 52 -10.02 2.97 -18.60
CA GLU B 52 -11.03 2.89 -19.67
C GLU B 52 -11.09 1.47 -20.25
N LEU B 53 -9.97 0.71 -20.16
CA LEU B 53 -9.89 -0.68 -20.61
C LEU B 53 -10.89 -1.59 -19.86
N GLY B 54 -11.15 -1.28 -18.59
CA GLY B 54 -12.03 -2.07 -17.74
C GLY B 54 -13.50 -1.67 -17.78
N ARG B 55 -13.82 -0.54 -18.43
CA ARG B 55 -15.19 -0.04 -18.54
C ARG B 55 -16.16 -1.09 -19.13
N PRO B 56 -15.85 -1.78 -20.27
CA PRO B 56 -16.81 -2.79 -20.79
C PRO B 56 -17.14 -3.91 -19.80
N ASP B 57 -16.15 -4.36 -19.01
CA ASP B 57 -16.30 -5.43 -18.03
C ASP B 57 -17.12 -5.00 -16.82
N ALA B 58 -16.87 -3.77 -16.31
CA ALA B 58 -17.61 -3.20 -15.16
C ALA B 58 -19.09 -3.10 -15.51
N GLU B 59 -19.42 -2.56 -16.70
CA GLU B 59 -20.80 -2.42 -17.19
C GLU B 59 -21.44 -3.80 -17.41
N TYR B 60 -20.72 -4.72 -18.08
CA TYR B 60 -21.19 -6.07 -18.36
C TYR B 60 -21.47 -6.90 -17.10
N TRP B 61 -20.49 -6.95 -16.17
CA TRP B 61 -20.62 -7.70 -14.92
C TRP B 61 -21.69 -7.11 -13.98
N ASN B 62 -21.87 -5.77 -14.00
CA ASN B 62 -22.90 -5.08 -13.21
C ASN B 62 -24.31 -5.30 -13.78
N SER B 63 -24.42 -5.63 -15.08
CA SER B 63 -25.70 -5.89 -15.73
C SER B 63 -26.23 -7.29 -15.40
N GLN B 64 -25.35 -8.18 -14.91
CA GLN B 64 -25.69 -9.56 -14.55
C GLN B 64 -25.90 -9.65 -13.04
N LYS B 65 -27.16 -9.81 -12.59
CA LYS B 65 -27.51 -9.93 -11.16
C LYS B 65 -26.83 -11.13 -10.50
N ASP B 66 -26.65 -12.26 -11.24
CA ASP B 66 -26.00 -13.48 -10.76
C ASP B 66 -24.53 -13.29 -10.39
N ILE B 67 -23.77 -12.51 -11.21
CA ILE B 67 -22.36 -12.17 -10.98
C ILE B 67 -22.25 -11.24 -9.76
N LEU B 68 -23.11 -10.20 -9.69
CA LEU B 68 -23.18 -9.25 -8.59
C LEU B 68 -23.49 -9.93 -7.26
N GLU B 69 -24.47 -10.86 -7.25
CA GLU B 69 -24.89 -11.59 -6.04
C GLU B 69 -23.82 -12.53 -5.52
N GLN B 70 -23.06 -13.14 -6.42
CA GLN B 70 -21.96 -14.04 -6.07
C GLN B 70 -20.82 -13.24 -5.41
N ALA B 71 -20.51 -12.03 -5.96
CA ALA B 71 -19.48 -11.13 -5.46
C ALA B 71 -19.87 -10.51 -4.12
N ARG B 72 -21.15 -10.14 -3.95
CA ARG B 72 -21.69 -9.58 -2.70
C ARG B 72 -21.73 -10.63 -1.56
N ALA B 73 -21.81 -11.92 -1.93
CA ALA B 73 -21.85 -13.03 -0.98
C ALA B 73 -20.47 -13.56 -0.57
N ALA B 74 -19.41 -13.22 -1.35
CA ALA B 74 -18.02 -13.66 -1.16
C ALA B 74 -17.45 -13.45 0.24
N VAL B 75 -17.79 -12.34 0.93
CA VAL B 75 -17.29 -12.07 2.29
C VAL B 75 -17.63 -13.23 3.26
N ASP B 76 -18.80 -13.87 3.05
CA ASP B 76 -19.28 -14.98 3.88
C ASP B 76 -18.99 -16.37 3.30
N THR B 77 -19.32 -16.58 2.02
CA THR B 77 -19.17 -17.86 1.33
C THR B 77 -17.75 -18.19 0.86
N TYR B 78 -16.89 -17.16 0.77
CA TYR B 78 -15.54 -17.34 0.27
C TYR B 78 -14.48 -16.92 1.32
N CYS B 79 -14.51 -15.64 1.75
CA CYS B 79 -13.57 -15.07 2.72
C CYS B 79 -13.62 -15.75 4.08
N ARG B 80 -14.78 -15.64 4.77
CA ARG B 80 -14.99 -16.23 6.09
C ARG B 80 -14.82 -17.75 6.08
N HIS B 81 -15.25 -18.42 4.99
CA HIS B 81 -15.10 -19.88 4.82
C HIS B 81 -13.63 -20.30 4.80
N ASN B 82 -12.82 -19.71 3.89
CA ASN B 82 -11.40 -20.01 3.72
C ASN B 82 -10.54 -19.65 4.94
N TYR B 83 -10.93 -18.61 5.68
CA TYR B 83 -10.25 -18.21 6.91
C TYR B 83 -10.34 -19.36 7.93
N GLY B 84 -11.54 -19.95 8.06
CA GLY B 84 -11.82 -21.06 8.96
C GLY B 84 -11.12 -22.36 8.59
N VAL B 85 -10.99 -22.61 7.27
CA VAL B 85 -10.35 -23.81 6.73
C VAL B 85 -8.87 -23.93 7.16
N GLY B 86 -8.12 -22.83 7.06
CA GLY B 86 -6.70 -22.81 7.38
C GLY B 86 -6.25 -22.18 8.67
N GLU B 87 -7.20 -21.64 9.46
CA GLU B 87 -6.99 -20.95 10.75
C GLU B 87 -5.98 -21.63 11.69
N SER B 88 -6.11 -22.96 11.87
CA SER B 88 -5.27 -23.76 12.77
C SER B 88 -3.78 -23.80 12.40
N PHE B 89 -3.44 -23.64 11.11
CA PHE B 89 -2.06 -23.69 10.65
C PHE B 89 -1.54 -22.38 10.02
N THR B 90 -2.37 -21.32 10.02
CA THR B 90 -2.00 -20.01 9.45
C THR B 90 -2.09 -18.94 10.54
N VAL B 91 -3.32 -18.60 10.96
CA VAL B 91 -3.60 -17.61 12.01
C VAL B 91 -2.98 -18.07 13.36
N GLN B 92 -3.17 -19.36 13.72
CA GLN B 92 -2.68 -19.94 14.98
C GLN B 92 -1.18 -20.29 14.97
N ARG B 93 -0.54 -20.30 13.78
CA ARG B 93 0.87 -20.62 13.61
C ARG B 93 1.81 -19.75 14.46
N ARG B 94 2.58 -20.41 15.33
CA ARG B 94 3.57 -19.78 16.21
C ARG B 94 4.83 -20.61 16.21
N VAL B 95 5.90 -20.05 15.64
CA VAL B 95 7.19 -20.72 15.58
C VAL B 95 8.19 -19.82 16.29
N GLN B 96 8.84 -20.36 17.32
CA GLN B 96 9.81 -19.69 18.19
C GLN B 96 11.05 -19.22 17.44
N PRO B 97 11.60 -18.02 17.74
CA PRO B 97 12.86 -17.62 17.10
C PRO B 97 14.10 -18.24 17.77
N LYS B 98 15.12 -18.56 16.96
CA LYS B 98 16.41 -19.06 17.44
C LYS B 98 17.28 -17.82 17.58
N VAL B 99 17.65 -17.45 18.83
CA VAL B 99 18.44 -16.24 19.07
C VAL B 99 19.90 -16.57 19.39
N THR B 100 20.82 -16.00 18.58
CA THR B 100 22.27 -16.15 18.65
C THR B 100 22.91 -14.76 18.68
N VAL B 101 23.97 -14.60 19.49
CA VAL B 101 24.73 -13.36 19.60
C VAL B 101 26.21 -13.65 19.34
N TYR B 102 26.79 -12.98 18.32
CA TYR B 102 28.17 -13.16 17.92
C TYR B 102 28.88 -11.85 17.52
N PRO B 103 30.19 -11.69 17.83
CA PRO B 103 30.89 -10.47 17.39
C PRO B 103 31.29 -10.58 15.93
N SER B 104 31.32 -9.44 15.23
CA SER B 104 31.70 -9.34 13.83
C SER B 104 32.46 -8.03 13.56
N LYS B 105 32.81 -7.76 12.29
CA LYS B 105 33.55 -6.55 11.90
C LYS B 105 32.90 -5.82 10.72
N THR B 106 32.93 -4.47 10.77
CA THR B 106 32.40 -3.57 9.73
C THR B 106 33.22 -3.76 8.44
N GLN B 107 34.55 -3.86 8.59
CA GLN B 107 35.51 -4.08 7.50
C GLN B 107 36.70 -4.93 7.99
N PRO B 108 37.26 -5.81 7.11
CA PRO B 108 38.36 -6.69 7.57
C PRO B 108 39.74 -6.00 7.58
N LEU B 109 39.84 -4.95 8.40
CA LEU B 109 41.04 -4.14 8.60
C LEU B 109 41.15 -3.68 10.07
N GLN B 110 40.17 -4.07 10.90
CA GLN B 110 40.09 -3.72 12.31
C GLN B 110 39.46 -4.84 13.16
N HIS B 111 39.62 -4.75 14.49
CA HIS B 111 39.08 -5.70 15.48
C HIS B 111 37.53 -5.65 15.53
N HIS B 112 36.90 -6.53 16.35
CA HIS B 112 35.45 -6.62 16.51
C HIS B 112 34.83 -5.26 16.92
N ASN B 113 34.14 -4.62 15.97
CA ASN B 113 33.49 -3.32 16.19
C ASN B 113 31.96 -3.39 15.94
N LEU B 114 31.43 -4.63 15.86
CA LEU B 114 30.02 -4.89 15.59
C LEU B 114 29.52 -6.11 16.36
N LEU B 115 28.40 -5.95 17.08
CA LEU B 115 27.79 -7.08 17.78
C LEU B 115 26.51 -7.47 17.07
N VAL B 116 26.45 -8.70 16.59
CA VAL B 116 25.31 -9.20 15.82
C VAL B 116 24.35 -10.03 16.66
N CYS B 117 23.03 -9.68 16.61
CA CYS B 117 21.97 -10.48 17.23
C CYS B 117 21.16 -11.11 16.11
N SER B 118 21.38 -12.41 15.89
CA SER B 118 20.69 -13.20 14.88
C SER B 118 19.41 -13.77 15.46
N VAL B 119 18.28 -13.39 14.85
CA VAL B 119 16.93 -13.81 15.26
C VAL B 119 16.34 -14.54 14.03
N SER B 120 16.31 -15.89 14.04
CA SER B 120 15.89 -16.65 12.87
C SER B 120 14.85 -17.76 13.11
N GLY B 121 14.20 -18.17 12.00
CA GLY B 121 13.22 -19.24 11.90
C GLY B 121 11.92 -19.02 12.66
N PHE B 122 11.47 -17.77 12.79
CA PHE B 122 10.23 -17.47 13.52
C PHE B 122 9.03 -17.18 12.63
N TYR B 123 7.83 -17.38 13.19
CA TYR B 123 6.55 -17.08 12.57
C TYR B 123 5.57 -16.70 13.67
N PRO B 124 4.80 -15.59 13.55
CA PRO B 124 4.72 -14.65 12.42
C PRO B 124 5.83 -13.59 12.41
N GLY B 125 5.78 -12.73 11.40
CA GLY B 125 6.77 -11.67 11.18
C GLY B 125 6.90 -10.60 12.23
N SER B 126 5.86 -10.42 13.07
CA SER B 126 5.84 -9.43 14.13
C SER B 126 6.92 -9.72 15.20
N ILE B 127 7.94 -8.83 15.28
CA ILE B 127 9.06 -8.99 16.21
C ILE B 127 9.65 -7.63 16.64
N GLU B 128 10.21 -7.57 17.86
CA GLU B 128 10.89 -6.40 18.42
C GLU B 128 12.25 -6.85 18.94
N VAL B 129 13.33 -6.23 18.46
CA VAL B 129 14.69 -6.56 18.88
C VAL B 129 15.36 -5.32 19.46
N ARG B 130 15.78 -5.42 20.73
CA ARG B 130 16.45 -4.33 21.45
C ARG B 130 17.81 -4.77 21.97
N TRP B 131 18.76 -3.82 22.02
CA TRP B 131 20.11 -4.04 22.52
C TRP B 131 20.27 -3.31 23.83
N PHE B 132 20.90 -3.97 24.80
CA PHE B 132 21.13 -3.42 26.13
C PHE B 132 22.58 -3.55 26.52
N LEU B 133 23.10 -2.53 27.20
CA LEU B 133 24.45 -2.50 27.74
C LEU B 133 24.33 -2.16 29.21
N ASN B 134 24.73 -3.13 30.07
CA ASN B 134 24.67 -3.05 31.53
C ASN B 134 23.29 -2.55 32.04
N GLY B 135 22.23 -3.23 31.60
CA GLY B 135 20.85 -2.91 31.97
C GLY B 135 20.25 -1.65 31.39
N GLN B 136 20.98 -0.96 30.48
CA GLN B 136 20.50 0.28 29.83
C GLN B 136 20.36 0.09 28.31
N GLU B 137 19.21 0.55 27.75
CA GLU B 137 18.90 0.43 26.31
C GLU B 137 19.76 1.29 25.42
N GLU B 138 20.43 0.64 24.45
CA GLU B 138 21.27 1.33 23.47
C GLU B 138 20.47 1.52 22.19
N LYS B 139 20.02 2.77 21.97
CA LYS B 139 19.21 3.16 20.81
C LYS B 139 20.08 3.52 19.60
N ALA B 140 21.14 4.32 19.81
CA ALA B 140 22.06 4.76 18.77
C ALA B 140 23.03 3.64 18.37
N GLY B 141 23.48 3.66 17.12
CA GLY B 141 24.41 2.68 16.58
C GLY B 141 23.80 1.35 16.20
N MET B 142 22.50 1.33 15.89
CA MET B 142 21.85 0.08 15.50
C MET B 142 21.53 0.03 14.01
N VAL B 143 22.01 -1.03 13.35
CA VAL B 143 21.76 -1.31 11.93
C VAL B 143 21.17 -2.72 11.88
N SER B 144 20.08 -2.87 11.15
CA SER B 144 19.40 -4.14 10.96
C SER B 144 19.20 -4.40 9.47
N THR B 145 18.98 -5.67 9.14
CA THR B 145 18.68 -6.12 7.79
C THR B 145 17.19 -5.81 7.51
N GLY B 146 16.44 -5.59 8.59
CA GLY B 146 15.00 -5.43 8.55
C GLY B 146 14.37 -6.81 8.59
N LEU B 147 13.06 -6.91 8.37
CA LEU B 147 12.40 -8.20 8.39
C LEU B 147 12.58 -8.94 7.06
N ILE B 148 13.12 -10.16 7.12
CA ILE B 148 13.35 -10.99 5.94
C ILE B 148 12.39 -12.20 5.95
N GLN B 149 11.62 -12.32 4.87
CA GLN B 149 10.69 -13.44 4.68
C GLN B 149 11.45 -14.52 3.90
N ASN B 150 11.65 -15.71 4.49
CA ASN B 150 12.39 -16.82 3.88
C ASN B 150 11.61 -17.59 2.79
N GLY B 151 10.29 -17.41 2.76
CA GLY B 151 9.40 -18.04 1.80
C GLY B 151 8.95 -19.46 2.13
N ASP B 152 9.30 -19.96 3.33
CA ASP B 152 8.95 -21.30 3.81
C ASP B 152 8.18 -21.22 5.14
N TRP B 153 7.49 -20.08 5.35
CA TRP B 153 6.70 -19.75 6.55
C TRP B 153 7.59 -19.45 7.76
N THR B 154 8.79 -18.92 7.51
CA THR B 154 9.72 -18.47 8.56
C THR B 154 10.28 -17.10 8.19
N PHE B 155 10.62 -16.33 9.21
CA PHE B 155 11.21 -15.01 9.06
C PHE B 155 12.54 -14.97 9.76
N GLN B 156 13.43 -14.06 9.33
CA GLN B 156 14.72 -13.83 9.95
C GLN B 156 15.09 -12.36 9.94
N THR B 157 15.99 -11.97 10.85
CA THR B 157 16.50 -10.61 11.00
C THR B 157 17.86 -10.63 11.72
N LEU B 158 18.72 -9.66 11.39
CA LEU B 158 20.01 -9.47 12.02
C LEU B 158 20.03 -8.06 12.53
N VAL B 159 20.13 -7.89 13.84
CA VAL B 159 20.19 -6.57 14.46
C VAL B 159 21.59 -6.41 15.04
N MET B 160 22.35 -5.51 14.43
CA MET B 160 23.74 -5.23 14.76
C MET B 160 23.93 -3.96 15.55
N LEU B 161 24.80 -4.01 16.56
CA LEU B 161 25.14 -2.86 17.39
C LEU B 161 26.56 -2.45 17.04
N GLU B 162 26.73 -1.17 16.69
CA GLU B 162 28.02 -0.57 16.36
C GLU B 162 28.64 -0.12 17.67
N THR B 163 29.56 -0.92 18.19
CA THR B 163 30.25 -0.66 19.46
C THR B 163 31.64 -1.28 19.50
N VAL B 164 32.52 -0.70 20.31
CA VAL B 164 33.83 -1.27 20.56
C VAL B 164 33.72 -1.90 21.96
N PRO B 165 33.63 -3.24 22.04
CA PRO B 165 33.44 -3.87 23.36
C PRO B 165 34.65 -3.72 24.28
N ARG B 166 34.38 -3.23 25.49
CA ARG B 166 35.40 -3.06 26.53
C ARG B 166 35.21 -4.20 27.53
N SER B 167 36.31 -4.80 28.00
CA SER B 167 36.29 -5.90 28.96
C SER B 167 35.42 -5.59 30.18
N GLY B 168 34.65 -6.58 30.62
CA GLY B 168 33.73 -6.44 31.74
C GLY B 168 32.32 -6.05 31.36
N GLU B 169 32.13 -5.49 30.14
CA GLU B 169 30.81 -5.08 29.63
C GLU B 169 29.95 -6.29 29.27
N VAL B 170 28.69 -6.27 29.72
CA VAL B 170 27.71 -7.32 29.45
C VAL B 170 26.61 -6.74 28.56
N TYR B 171 26.54 -7.24 27.33
CA TYR B 171 25.54 -6.81 26.34
C TYR B 171 24.41 -7.84 26.29
N THR B 172 23.17 -7.36 26.22
CA THR B 172 22.01 -8.24 26.14
C THR B 172 21.14 -7.92 24.93
N CYS B 173 20.81 -8.96 24.16
CA CYS B 173 19.87 -8.82 23.07
C CYS B 173 18.51 -9.31 23.56
N GLN B 174 17.54 -8.39 23.63
CA GLN B 174 16.17 -8.69 24.07
C GLN B 174 15.26 -8.81 22.84
N VAL B 175 14.56 -9.96 22.73
CA VAL B 175 13.67 -10.29 21.62
C VAL B 175 12.21 -10.45 22.12
N GLU B 176 11.24 -9.81 21.43
CA GLU B 176 9.81 -9.92 21.75
C GLU B 176 9.04 -10.47 20.55
N HIS B 177 8.39 -11.64 20.74
CA HIS B 177 7.66 -12.35 19.71
C HIS B 177 6.39 -13.05 20.25
N PRO B 178 5.27 -13.13 19.46
CA PRO B 178 4.04 -13.80 19.94
C PRO B 178 4.17 -15.25 20.43
N SER B 179 5.16 -16.02 19.93
CA SER B 179 5.43 -17.42 20.28
C SER B 179 5.85 -17.63 21.76
N VAL B 180 6.37 -16.56 22.39
CA VAL B 180 6.82 -16.59 23.79
C VAL B 180 6.07 -15.54 24.61
N THR B 181 5.68 -15.87 25.85
CA THR B 181 4.93 -14.96 26.73
C THR B 181 5.73 -13.68 27.08
N SER B 182 6.84 -13.77 27.84
CA SER B 182 7.64 -12.58 28.20
C SER B 182 8.82 -12.41 27.20
N PRO B 183 9.75 -11.42 27.31
CA PRO B 183 10.83 -11.35 26.31
C PRO B 183 11.88 -12.46 26.43
N LEU B 184 12.64 -12.67 25.34
CA LEU B 184 13.78 -13.60 25.28
C LEU B 184 15.04 -12.78 25.44
N THR B 185 16.08 -13.32 26.11
CA THR B 185 17.34 -12.61 26.32
C THR B 185 18.54 -13.51 26.06
N VAL B 186 19.58 -12.97 25.41
CA VAL B 186 20.86 -13.62 25.13
C VAL B 186 21.95 -12.62 25.52
N GLU B 187 22.80 -13.01 26.48
CA GLU B 187 23.90 -12.19 26.98
C GLU B 187 25.21 -12.51 26.26
N TRP B 188 26.06 -11.49 26.13
CA TRP B 188 27.38 -11.58 25.53
C TRP B 188 28.35 -10.73 26.35
N ARG B 189 29.43 -11.36 26.82
CA ARG B 189 30.46 -10.70 27.63
C ARG B 189 31.75 -10.59 26.85
N ALA B 190 32.44 -9.44 26.99
CA ALA B 190 33.72 -9.18 26.35
C ALA B 190 34.84 -9.98 27.05
N ARG C 1 -13.15 -28.75 5.62
CA ARG C 1 -11.72 -28.74 5.40
C ARG C 1 -11.31 -28.45 3.94
N PHE C 2 -12.28 -28.08 3.08
CA PHE C 2 -12.00 -27.78 1.68
C PHE C 2 -11.89 -26.28 1.41
N TYR C 3 -10.78 -25.86 0.78
CA TYR C 3 -10.58 -24.47 0.37
C TYR C 3 -11.48 -24.19 -0.83
N LYS C 4 -12.26 -23.10 -0.75
CA LYS C 4 -13.17 -22.71 -1.83
C LYS C 4 -12.51 -21.76 -2.81
N THR C 5 -12.72 -22.01 -4.10
CA THR C 5 -12.19 -21.23 -5.22
C THR C 5 -13.18 -20.14 -5.60
N LEU C 6 -12.69 -18.90 -5.80
CA LEU C 6 -13.56 -17.87 -6.32
C LEU C 6 -13.56 -18.11 -7.84
N ARG C 7 -14.73 -18.53 -8.37
CA ARG C 7 -14.86 -18.90 -9.77
C ARG C 7 -14.65 -17.72 -10.72
N ALA C 8 -13.75 -17.90 -11.69
CA ALA C 8 -13.40 -16.89 -12.68
C ALA C 8 -14.55 -16.66 -13.64
N GLU C 9 -14.81 -15.39 -13.94
CA GLU C 9 -15.88 -14.97 -14.84
C GLU C 9 -15.30 -14.46 -16.16
N GLN C 10 -15.99 -14.71 -17.28
CA GLN C 10 -15.51 -14.23 -18.57
C GLN C 10 -15.82 -12.74 -18.76
N ALA C 11 -14.87 -12.04 -19.39
CA ALA C 11 -14.97 -10.62 -19.73
C ALA C 11 -15.89 -10.46 -20.96
N SER C 12 -16.25 -9.22 -21.32
CA SER C 12 -17.08 -8.95 -22.49
C SER C 12 -16.24 -8.88 -23.79
N GLN C 13 -16.69 -9.43 -24.95
CA GLN C 13 -17.96 -10.13 -25.15
C GLN C 13 -17.78 -11.44 -25.94
N GLU D 3 -3.89 1.74 18.39
CA GLU D 3 -4.27 2.86 17.53
C GLU D 3 -3.28 3.02 16.39
N GLU D 4 -3.77 2.93 15.13
CA GLU D 4 -2.93 3.03 13.94
C GLU D 4 -3.15 4.33 13.19
N HIS D 5 -2.11 5.19 13.17
CA HIS D 5 -2.13 6.49 12.50
C HIS D 5 -0.85 6.73 11.73
N VAL D 6 -0.90 7.67 10.77
CA VAL D 6 0.23 8.03 9.91
C VAL D 6 0.32 9.55 9.78
N ILE D 7 1.49 10.11 10.12
CA ILE D 7 1.80 11.53 9.94
C ILE D 7 2.86 11.62 8.82
N ILE D 8 2.57 12.39 7.76
CA ILE D 8 3.50 12.55 6.63
C ILE D 8 3.83 14.00 6.42
N GLN D 9 5.12 14.32 6.34
CA GLN D 9 5.59 15.65 6.00
C GLN D 9 5.92 15.51 4.53
N ALA D 10 5.01 15.99 3.67
CA ALA D 10 5.15 15.89 2.22
C ALA D 10 5.58 17.21 1.59
N GLU D 11 6.69 17.18 0.86
CA GLU D 11 7.23 18.34 0.18
C GLU D 11 7.42 18.02 -1.28
N PHE D 12 7.66 19.05 -2.09
CA PHE D 12 7.98 18.90 -3.49
C PHE D 12 8.58 20.15 -4.08
N TYR D 13 9.38 19.96 -5.12
CA TYR D 13 9.91 21.03 -5.94
C TYR D 13 9.79 20.59 -7.37
N LEU D 14 9.28 21.49 -8.22
CA LEU D 14 9.05 21.21 -9.62
C LEU D 14 9.68 22.27 -10.52
N ASN D 15 10.40 21.80 -11.57
CA ASN D 15 11.03 22.61 -12.60
C ASN D 15 10.39 22.28 -13.95
N PRO D 16 10.33 23.21 -14.94
CA PRO D 16 10.83 24.61 -14.92
C PRO D 16 9.91 25.62 -14.22
N ASP D 17 8.75 25.15 -13.70
CA ASP D 17 7.72 25.94 -13.03
C ASP D 17 8.19 26.72 -11.82
N GLN D 18 9.24 26.21 -11.14
CA GLN D 18 9.82 26.75 -9.91
C GLN D 18 8.78 26.73 -8.77
N SER D 19 7.89 25.74 -8.84
CA SER D 19 6.79 25.49 -7.91
C SER D 19 7.30 24.61 -6.77
N GLY D 20 6.92 24.97 -5.55
CA GLY D 20 7.32 24.24 -4.36
C GLY D 20 6.32 24.33 -3.23
N GLU D 21 6.03 23.20 -2.57
CA GLU D 21 5.08 23.16 -1.45
C GLU D 21 5.56 22.28 -0.32
N PHE D 22 5.10 22.59 0.90
CA PHE D 22 5.42 21.90 2.15
C PHE D 22 4.13 21.76 2.95
N MET D 23 3.82 20.55 3.38
CA MET D 23 2.61 20.29 4.15
C MET D 23 2.75 19.11 5.08
N PHE D 24 1.84 19.02 6.07
CA PHE D 24 1.74 17.92 7.00
C PHE D 24 0.39 17.26 6.77
N ASP D 25 0.42 15.93 6.67
CA ASP D 25 -0.73 15.08 6.43
C ASP D 25 -0.90 14.12 7.62
N PHE D 26 -2.15 13.93 8.07
CA PHE D 26 -2.52 13.01 9.14
C PHE D 26 -3.65 12.12 8.59
N ASP D 27 -3.37 10.82 8.37
CA ASP D 27 -4.33 9.83 7.84
C ASP D 27 -5.10 10.29 6.58
N GLY D 28 -4.40 10.90 5.63
CA GLY D 28 -4.98 11.38 4.38
C GLY D 28 -5.55 12.79 4.41
N ASP D 29 -5.59 13.42 5.61
CA ASP D 29 -6.09 14.78 5.81
C ASP D 29 -4.96 15.75 6.12
N GLU D 30 -5.02 16.96 5.57
CA GLU D 30 -4.01 18.00 5.76
C GLU D 30 -4.11 18.69 7.11
N ILE D 31 -3.01 18.74 7.89
CA ILE D 31 -3.01 19.46 9.19
C ILE D 31 -2.78 20.93 8.86
N PHE D 32 -1.70 21.21 8.13
CA PHE D 32 -1.33 22.55 7.71
C PHE D 32 -0.41 22.48 6.49
N HIS D 33 -0.15 23.65 5.88
CA HIS D 33 0.76 23.85 4.77
C HIS D 33 1.45 25.21 4.94
N VAL D 34 2.56 25.44 4.25
CA VAL D 34 3.23 26.72 4.36
C VAL D 34 3.11 27.47 3.04
N ASP D 35 2.54 28.68 3.12
CA ASP D 35 2.40 29.62 2.00
C ASP D 35 3.80 30.22 1.82
N MET D 36 4.49 29.84 0.73
CA MET D 36 5.87 30.26 0.45
C MET D 36 6.03 31.79 0.25
N ALA D 37 5.13 32.41 -0.54
CA ALA D 37 5.15 33.85 -0.82
C ALA D 37 4.87 34.67 0.45
N LYS D 38 3.81 34.30 1.20
CA LYS D 38 3.38 34.94 2.44
C LYS D 38 4.31 34.59 3.62
N LYS D 39 5.09 33.49 3.48
CA LYS D 39 6.03 32.94 4.48
C LYS D 39 5.28 32.63 5.79
N GLU D 40 4.02 32.14 5.64
CA GLU D 40 3.12 31.88 6.76
C GLU D 40 2.57 30.45 6.79
N THR D 41 2.38 29.92 8.02
CA THR D 41 1.79 28.62 8.30
C THR D 41 0.27 28.78 8.13
N VAL D 42 -0.33 27.98 7.23
CA VAL D 42 -1.77 28.01 6.95
C VAL D 42 -2.40 26.71 7.45
N TRP D 43 -3.21 26.81 8.51
CA TRP D 43 -3.89 25.66 9.12
C TRP D 43 -5.13 25.28 8.33
N ARG D 44 -5.42 23.96 8.23
CA ARG D 44 -6.56 23.47 7.47
C ARG D 44 -7.89 23.88 8.11
N LEU D 45 -7.97 23.78 9.44
CA LEU D 45 -9.10 24.23 10.24
C LEU D 45 -8.58 25.24 11.24
N GLU D 46 -9.38 26.30 11.53
CA GLU D 46 -9.07 27.40 12.46
C GLU D 46 -8.55 26.91 13.82
N GLU D 47 -9.28 25.95 14.43
CA GLU D 47 -9.00 25.35 15.75
C GLU D 47 -7.58 24.78 15.90
N PHE D 48 -6.98 24.26 14.83
CA PHE D 48 -5.63 23.68 14.86
C PHE D 48 -4.57 24.72 15.28
N GLY D 49 -4.70 25.94 14.77
CA GLY D 49 -3.81 27.06 15.07
C GLY D 49 -3.88 27.58 16.49
N ARG D 50 -4.94 27.22 17.22
CA ARG D 50 -5.19 27.61 18.62
C ARG D 50 -4.61 26.58 19.60
N PHE D 51 -4.43 25.34 19.12
CA PHE D 51 -3.91 24.23 19.92
C PHE D 51 -2.44 23.87 19.59
N ALA D 52 -1.96 24.28 18.40
CA ALA D 52 -0.60 24.00 17.95
C ALA D 52 0.03 25.21 17.24
N SER D 53 1.33 25.09 16.88
CA SER D 53 2.09 26.12 16.18
C SER D 53 3.21 25.55 15.31
N PHE D 54 3.66 26.33 14.33
CA PHE D 54 4.73 25.94 13.42
C PHE D 54 5.51 27.14 12.89
N GLU D 55 6.84 27.01 12.84
CA GLU D 55 7.72 28.05 12.33
C GLU D 55 7.89 27.86 10.82
N ALA D 56 7.12 28.64 10.04
CA ALA D 56 7.09 28.60 8.58
C ALA D 56 8.46 28.75 7.89
N GLN D 57 9.46 29.35 8.57
CA GLN D 57 10.82 29.55 8.06
C GLN D 57 11.55 28.23 7.82
N GLY D 58 11.29 27.23 8.67
CA GLY D 58 11.85 25.90 8.54
C GLY D 58 11.43 25.23 7.24
N ALA D 59 10.17 25.47 6.82
CA ALA D 59 9.59 24.94 5.59
C ALA D 59 10.21 25.58 4.34
N LEU D 60 10.52 26.88 4.40
CA LEU D 60 11.15 27.60 3.29
C LEU D 60 12.60 27.15 3.11
N ALA D 61 13.26 26.76 4.23
CA ALA D 61 14.63 26.25 4.25
C ALA D 61 14.70 24.89 3.59
N ASN D 62 13.71 24.01 3.87
CA ASN D 62 13.62 22.67 3.30
C ASN D 62 13.39 22.75 1.80
N ILE D 63 12.53 23.69 1.35
CA ILE D 63 12.20 23.94 -0.06
C ILE D 63 13.43 24.40 -0.85
N ALA D 64 14.32 25.15 -0.21
CA ALA D 64 15.56 25.63 -0.81
C ALA D 64 16.51 24.44 -1.07
N VAL D 65 16.54 23.48 -0.12
CA VAL D 65 17.35 22.26 -0.22
C VAL D 65 16.77 21.33 -1.31
N ASP D 66 15.42 21.20 -1.37
CA ASP D 66 14.72 20.38 -2.36
C ASP D 66 14.99 20.84 -3.77
N LYS D 67 15.01 22.18 -3.97
CA LYS D 67 15.31 22.85 -5.23
C LYS D 67 16.72 22.48 -5.71
N ALA D 68 17.71 22.56 -4.81
CA ALA D 68 19.12 22.22 -5.09
C ALA D 68 19.24 20.73 -5.40
N ASN D 69 18.50 19.88 -4.65
CA ASN D 69 18.48 18.43 -4.83
C ASN D 69 17.86 18.05 -6.16
N LEU D 70 16.80 18.77 -6.59
CA LEU D 70 16.14 18.55 -7.89
C LEU D 70 17.14 18.82 -9.02
N GLU D 71 17.92 19.91 -8.93
CA GLU D 71 18.94 20.27 -9.91
C GLU D 71 19.95 19.13 -10.10
N ILE D 72 20.46 18.58 -8.98
CA ILE D 72 21.40 17.44 -8.91
C ILE D 72 20.78 16.21 -9.58
N MET D 73 19.51 15.92 -9.24
CA MET D 73 18.74 14.79 -9.73
C MET D 73 18.41 14.87 -11.21
N THR D 74 18.13 16.08 -11.70
CA THR D 74 17.82 16.32 -13.11
C THR D 74 19.05 15.99 -13.95
N LYS D 75 20.23 16.46 -13.49
CA LYS D 75 21.53 16.24 -14.14
C LYS D 75 21.92 14.75 -14.06
N ARG D 76 21.77 14.12 -12.87
CA ARG D 76 22.11 12.72 -12.62
C ARG D 76 21.29 11.75 -13.48
N SER D 77 20.00 12.06 -13.72
CA SER D 77 19.12 11.21 -14.53
C SER D 77 19.34 11.45 -16.04
N ASN D 78 20.23 12.41 -16.39
CA ASN D 78 20.55 12.80 -17.75
C ASN D 78 19.31 13.41 -18.43
N TYR D 79 18.64 14.30 -17.66
CA TYR D 79 17.47 15.11 -17.99
C TYR D 79 16.25 14.27 -18.41
N THR D 80 15.97 13.19 -17.65
CA THR D 80 14.81 12.32 -17.87
C THR D 80 13.57 13.03 -17.30
N PRO D 81 12.58 13.40 -18.14
CA PRO D 81 11.41 14.10 -17.62
C PRO D 81 10.36 13.18 -17.00
N ILE D 82 9.42 13.78 -16.22
CA ILE D 82 8.30 13.06 -15.60
C ILE D 82 7.32 12.67 -16.70
N THR D 83 6.65 11.52 -16.51
CA THR D 83 5.61 11.07 -17.42
C THR D 83 4.31 11.67 -16.83
N ASN D 84 3.51 12.32 -17.68
CA ASN D 84 2.25 12.93 -17.27
C ASN D 84 1.21 11.87 -16.99
N VAL D 85 0.60 11.95 -15.80
CA VAL D 85 -0.47 11.06 -15.39
C VAL D 85 -1.69 11.98 -15.29
N PRO D 86 -2.69 11.83 -16.20
CA PRO D 86 -3.85 12.74 -16.18
C PRO D 86 -4.78 12.47 -15.00
N PRO D 87 -5.47 13.50 -14.46
CA PRO D 87 -6.35 13.27 -13.31
C PRO D 87 -7.73 12.71 -13.66
N GLU D 88 -8.37 12.12 -12.64
CA GLU D 88 -9.75 11.68 -12.68
C GLU D 88 -10.49 12.68 -11.80
N VAL D 89 -11.58 13.24 -12.32
CA VAL D 89 -12.33 14.31 -11.66
C VAL D 89 -13.73 13.82 -11.25
N THR D 90 -14.12 14.17 -10.02
CA THR D 90 -15.42 13.83 -9.45
C THR D 90 -16.04 15.08 -8.83
N VAL D 91 -17.31 15.35 -9.14
CA VAL D 91 -18.06 16.47 -8.57
C VAL D 91 -19.12 15.90 -7.64
N LEU D 92 -19.10 16.36 -6.40
CA LEU D 92 -20.02 15.93 -5.35
C LEU D 92 -20.43 17.11 -4.46
N THR D 93 -21.45 16.91 -3.62
CA THR D 93 -21.92 17.93 -2.68
C THR D 93 -21.53 17.52 -1.27
N ASN D 94 -21.28 18.50 -0.38
CA ASN D 94 -20.92 18.29 1.02
C ASN D 94 -21.97 17.50 1.83
N SER D 95 -23.26 17.60 1.45
CA SER D 95 -24.36 16.91 2.14
C SER D 95 -25.52 16.64 1.17
N PRO D 96 -26.55 15.80 1.52
CA PRO D 96 -27.68 15.61 0.58
C PRO D 96 -28.30 16.96 0.22
N VAL D 97 -28.33 17.25 -1.10
CA VAL D 97 -28.77 18.52 -1.65
C VAL D 97 -30.29 18.76 -1.45
N GLU D 98 -30.61 19.84 -0.71
CA GLU D 98 -31.97 20.30 -0.40
C GLU D 98 -32.21 21.66 -1.07
N LEU D 99 -33.39 21.82 -1.68
CA LEU D 99 -33.79 23.02 -2.41
C LEU D 99 -33.79 24.27 -1.52
N ARG D 100 -33.05 25.32 -1.96
CA ARG D 100 -32.88 26.63 -1.32
C ARG D 100 -32.16 26.58 0.08
N GLU D 101 -31.54 25.45 0.43
CA GLU D 101 -30.76 25.29 1.68
C GLU D 101 -29.27 25.30 1.30
N PRO D 102 -28.46 26.26 1.82
CA PRO D 102 -27.04 26.33 1.43
C PRO D 102 -26.26 25.02 1.49
N ASN D 103 -25.41 24.78 0.47
CA ASN D 103 -24.57 23.59 0.36
C ASN D 103 -23.22 23.95 -0.26
N VAL D 104 -22.29 22.98 -0.33
CA VAL D 104 -20.95 23.20 -0.89
C VAL D 104 -20.67 22.18 -2.00
N LEU D 105 -20.28 22.67 -3.19
CA LEU D 105 -19.89 21.81 -4.30
C LEU D 105 -18.41 21.53 -4.13
N ILE D 106 -18.04 20.25 -4.25
CA ILE D 106 -16.67 19.77 -4.11
C ILE D 106 -16.22 19.20 -5.44
N CYS D 107 -15.11 19.72 -5.98
CA CYS D 107 -14.50 19.18 -7.18
C CYS D 107 -13.25 18.43 -6.73
N PHE D 108 -13.33 17.09 -6.74
CA PHE D 108 -12.22 16.23 -6.34
C PHE D 108 -11.36 15.88 -7.55
N ILE D 109 -10.13 16.38 -7.58
CA ILE D 109 -9.13 16.15 -8.63
C ILE D 109 -8.17 15.13 -8.04
N ASP D 110 -8.05 13.95 -8.66
CA ASP D 110 -7.28 12.84 -8.10
C ASP D 110 -6.42 12.07 -9.11
N LYS D 111 -5.37 11.38 -8.60
CA LYS D 111 -4.45 10.48 -9.31
C LYS D 111 -3.72 11.14 -10.50
N PHE D 112 -3.03 12.24 -10.23
CA PHE D 112 -2.31 12.98 -11.27
C PHE D 112 -0.92 13.42 -10.84
N THR D 113 -0.06 13.65 -11.85
CA THR D 113 1.30 14.18 -11.72
C THR D 113 1.72 14.77 -13.08
N PRO D 114 2.49 15.88 -13.17
CA PRO D 114 3.08 16.72 -12.11
C PRO D 114 2.03 17.52 -11.33
N PRO D 115 2.37 18.11 -10.14
CA PRO D 115 1.34 18.89 -9.40
C PRO D 115 1.11 20.29 -10.00
N VAL D 116 0.50 20.32 -11.20
CA VAL D 116 0.12 21.54 -11.92
C VAL D 116 -1.25 21.27 -12.53
N VAL D 117 -2.23 22.12 -12.19
CA VAL D 117 -3.59 21.97 -12.68
C VAL D 117 -4.32 23.33 -12.75
N ASN D 118 -5.17 23.53 -13.76
CA ASN D 118 -6.00 24.72 -13.89
C ASN D 118 -7.42 24.24 -13.64
N VAL D 119 -8.02 24.69 -12.53
CA VAL D 119 -9.37 24.29 -12.13
C VAL D 119 -10.30 25.52 -12.15
N THR D 120 -11.42 25.41 -12.86
CA THR D 120 -12.40 26.50 -13.00
C THR D 120 -13.83 25.99 -12.77
N TRP D 121 -14.54 26.62 -11.82
CA TRP D 121 -15.96 26.32 -11.57
C TRP D 121 -16.78 27.09 -12.60
N LEU D 122 -17.84 26.48 -13.12
CA LEU D 122 -18.69 27.09 -14.13
C LEU D 122 -20.14 27.02 -13.71
N ARG D 123 -20.81 28.18 -13.63
CA ARG D 123 -22.24 28.26 -13.33
C ARG D 123 -22.90 28.66 -14.64
N ASN D 124 -23.66 27.72 -15.25
CA ASN D 124 -24.36 27.89 -16.53
C ASN D 124 -23.38 28.25 -17.68
N GLY D 125 -22.18 27.68 -17.62
CA GLY D 125 -21.12 27.90 -18.60
C GLY D 125 -20.21 29.09 -18.33
N LYS D 126 -20.53 29.89 -17.30
CA LYS D 126 -19.76 31.09 -16.95
C LYS D 126 -18.78 30.85 -15.78
N PRO D 127 -17.52 31.36 -15.86
CA PRO D 127 -16.59 31.14 -14.74
C PRO D 127 -17.01 31.83 -13.45
N VAL D 128 -16.75 31.18 -12.31
CA VAL D 128 -17.04 31.70 -10.98
C VAL D 128 -15.68 32.00 -10.34
N THR D 129 -15.38 33.29 -10.13
CA THR D 129 -14.11 33.76 -9.57
C THR D 129 -14.16 34.01 -8.05
N THR D 130 -15.35 34.37 -7.52
CA THR D 130 -15.54 34.67 -6.10
C THR D 130 -16.29 33.57 -5.36
N GLY D 131 -16.04 33.48 -4.05
CA GLY D 131 -16.65 32.49 -3.16
C GLY D 131 -15.96 31.14 -3.17
N VAL D 132 -15.09 30.91 -4.16
CA VAL D 132 -14.37 29.67 -4.35
C VAL D 132 -13.15 29.55 -3.43
N SER D 133 -12.89 28.32 -2.94
CA SER D 133 -11.71 28.01 -2.13
C SER D 133 -11.07 26.71 -2.64
N GLU D 134 -9.78 26.50 -2.33
CA GLU D 134 -9.04 25.31 -2.79
C GLU D 134 -8.01 24.84 -1.78
N THR D 135 -7.60 23.56 -1.90
CA THR D 135 -6.55 22.98 -1.06
C THR D 135 -5.24 23.02 -1.86
N VAL D 136 -4.12 22.71 -1.19
CA VAL D 136 -2.81 22.58 -1.86
C VAL D 136 -2.75 21.19 -2.52
N PHE D 137 -1.60 20.82 -3.10
CA PHE D 137 -1.44 19.50 -3.71
C PHE D 137 -1.18 18.49 -2.60
N LEU D 138 -2.16 17.59 -2.36
CA LEU D 138 -2.15 16.59 -1.30
C LEU D 138 -1.49 15.28 -1.72
N PRO D 139 -0.74 14.61 -0.82
CA PRO D 139 -0.08 13.35 -1.21
C PRO D 139 -0.99 12.13 -1.28
N ARG D 140 -0.52 11.11 -2.00
CA ARG D 140 -1.16 9.80 -2.14
C ARG D 140 -0.11 8.72 -1.93
N GLU D 141 -0.56 7.54 -1.52
CA GLU D 141 0.28 6.35 -1.29
C GLU D 141 1.02 5.89 -2.56
N ASP D 142 0.46 6.14 -3.76
CA ASP D 142 1.06 5.81 -5.06
C ASP D 142 1.97 6.93 -5.62
N HIS D 143 2.13 8.00 -4.82
CA HIS D 143 3.00 9.19 -5.02
C HIS D 143 2.48 10.12 -6.13
N LEU D 144 1.18 10.00 -6.44
CA LEU D 144 0.46 10.90 -7.33
C LEU D 144 -0.12 11.99 -6.40
N PHE D 145 -0.86 12.95 -6.96
CA PHE D 145 -1.42 14.04 -6.15
C PHE D 145 -2.96 14.05 -6.13
N ARG D 146 -3.50 14.67 -5.08
CA ARG D 146 -4.93 14.90 -4.83
C ARG D 146 -5.10 16.40 -4.67
N LYS D 147 -6.30 16.93 -4.97
CA LYS D 147 -6.64 18.34 -4.79
C LYS D 147 -8.15 18.48 -4.70
N PHE D 148 -8.61 19.41 -3.86
CA PHE D 148 -10.03 19.71 -3.69
C PHE D 148 -10.28 21.19 -3.99
N HIS D 149 -11.38 21.47 -4.68
CA HIS D 149 -11.85 22.81 -5.00
C HIS D 149 -13.28 22.90 -4.49
N TYR D 150 -13.61 23.98 -3.80
CA TYR D 150 -14.91 24.16 -3.16
C TYR D 150 -15.67 25.37 -3.66
N LEU D 151 -16.99 25.19 -3.84
CA LEU D 151 -17.89 26.26 -4.25
C LEU D 151 -19.21 26.21 -3.45
N PRO D 152 -19.37 27.10 -2.43
CA PRO D 152 -20.64 27.14 -1.69
C PRO D 152 -21.71 27.70 -2.62
N PHE D 153 -22.97 27.21 -2.49
CA PHE D 153 -24.05 27.63 -3.39
C PHE D 153 -25.46 27.42 -2.82
N LEU D 154 -26.43 28.20 -3.34
CA LEU D 154 -27.85 28.08 -3.00
C LEU D 154 -28.47 27.21 -4.10
N PRO D 155 -28.78 25.92 -3.82
CA PRO D 155 -29.35 25.06 -4.88
C PRO D 155 -30.66 25.57 -5.47
N SER D 156 -30.80 25.42 -6.80
CA SER D 156 -31.96 25.83 -7.60
C SER D 156 -32.08 24.90 -8.80
N THR D 157 -33.29 24.77 -9.35
CA THR D 157 -33.55 23.91 -10.52
C THR D 157 -33.18 24.61 -11.84
N GLU D 158 -32.75 25.89 -11.78
CA GLU D 158 -32.34 26.68 -12.95
C GLU D 158 -30.82 26.75 -13.15
N ASP D 159 -30.03 26.69 -12.06
CA ASP D 159 -28.57 26.74 -12.12
C ASP D 159 -27.93 25.36 -12.33
N VAL D 160 -27.01 25.26 -13.32
CA VAL D 160 -26.23 24.05 -13.60
C VAL D 160 -24.75 24.35 -13.34
N TYR D 161 -24.01 23.34 -12.87
CA TYR D 161 -22.61 23.52 -12.56
C TYR D 161 -21.70 22.51 -13.26
N ASP D 162 -20.46 22.96 -13.57
CA ASP D 162 -19.42 22.15 -14.19
C ASP D 162 -18.08 22.54 -13.63
N CYS D 163 -17.24 21.55 -13.29
CA CYS D 163 -15.89 21.79 -12.83
C CYS D 163 -14.99 21.47 -14.02
N ARG D 164 -14.26 22.49 -14.52
CA ARG D 164 -13.34 22.35 -15.65
C ARG D 164 -11.91 22.18 -15.15
N VAL D 165 -11.29 21.05 -15.50
CA VAL D 165 -9.92 20.75 -15.07
C VAL D 165 -9.01 20.59 -16.31
N GLU D 166 -7.88 21.31 -16.30
CA GLU D 166 -6.85 21.29 -17.35
C GLU D 166 -5.56 20.74 -16.76
N HIS D 167 -4.94 19.77 -17.46
CA HIS D 167 -3.69 19.12 -17.06
C HIS D 167 -2.95 18.69 -18.32
N TRP D 168 -1.60 18.75 -18.30
CA TRP D 168 -0.75 18.41 -19.45
C TRP D 168 -0.90 16.95 -19.93
N GLY D 169 -1.44 16.08 -19.07
CA GLY D 169 -1.71 14.69 -19.40
C GLY D 169 -3.04 14.48 -20.10
N LEU D 170 -3.86 15.55 -20.18
CA LEU D 170 -5.19 15.53 -20.82
C LEU D 170 -5.13 16.16 -22.21
N ASP D 171 -5.80 15.52 -23.19
CA ASP D 171 -5.86 15.96 -24.60
C ASP D 171 -6.66 17.26 -24.69
N GLU D 172 -7.81 17.32 -23.98
CA GLU D 172 -8.69 18.48 -23.87
C GLU D 172 -9.14 18.65 -22.41
N PRO D 173 -9.64 19.84 -21.97
CA PRO D 173 -10.06 19.97 -20.56
C PRO D 173 -11.17 18.99 -20.18
N LEU D 174 -11.12 18.49 -18.94
CA LEU D 174 -12.11 17.56 -18.41
C LEU D 174 -13.19 18.35 -17.70
N LEU D 175 -14.47 18.13 -18.08
CA LEU D 175 -15.62 18.80 -17.50
C LEU D 175 -16.55 17.83 -16.78
N LYS D 176 -16.73 18.03 -15.47
CA LYS D 176 -17.59 17.20 -14.65
C LYS D 176 -18.81 17.99 -14.18
N HIS D 177 -20.00 17.48 -14.50
CA HIS D 177 -21.31 18.11 -14.29
C HIS D 177 -22.00 17.84 -12.97
N TRP D 178 -22.88 18.77 -12.58
CA TRP D 178 -23.77 18.70 -11.43
C TRP D 178 -25.02 19.55 -11.66
N GLU D 179 -26.18 18.97 -11.35
CA GLU D 179 -27.51 19.58 -11.39
C GLU D 179 -28.45 18.88 -10.39
N PHE D 180 -29.51 19.57 -9.95
CA PHE D 180 -30.49 19.06 -9.00
C PHE D 180 -31.44 18.03 -9.64
N ASP D 181 -31.48 16.80 -9.07
CA ASP D 181 -32.34 15.71 -9.55
C ASP D 181 -32.77 14.79 -8.40
N GLY E 1 2.59 23.87 -25.67
CA GLY E 1 2.07 24.87 -24.74
C GLY E 1 1.13 24.29 -23.70
N ASP E 2 1.65 23.84 -22.54
CA ASP E 2 3.07 23.83 -22.18
C ASP E 2 3.67 22.41 -22.37
N THR E 3 4.36 22.20 -23.50
CA THR E 3 4.97 20.92 -23.86
C THR E 3 6.39 20.72 -23.28
N ARG E 4 6.92 21.74 -22.55
CA ARG E 4 8.24 21.68 -21.92
C ARG E 4 8.36 20.50 -20.93
N PRO E 5 9.49 19.77 -20.93
CA PRO E 5 9.65 18.66 -19.98
C PRO E 5 9.69 19.10 -18.51
N ARG E 6 9.08 18.31 -17.63
CA ARG E 6 9.03 18.60 -16.20
C ARG E 6 9.89 17.65 -15.39
N PHE E 7 10.41 18.15 -14.27
CA PHE E 7 11.28 17.42 -13.36
C PHE E 7 10.77 17.65 -11.94
N LEU E 8 10.42 16.56 -11.24
CA LEU E 8 9.84 16.64 -9.90
C LEU E 8 10.64 15.89 -8.83
N TRP E 9 10.85 16.57 -7.69
CA TRP E 9 11.53 16.00 -6.52
C TRP E 9 10.53 15.97 -5.36
N GLN E 10 10.25 14.77 -4.84
CA GLN E 10 9.27 14.59 -3.79
C GLN E 10 9.81 13.98 -2.50
N PRO E 11 10.30 14.76 -1.50
CA PRO E 11 10.64 14.15 -0.21
C PRO E 11 9.36 13.83 0.57
N LYS E 12 9.32 12.65 1.23
CA LYS E 12 8.22 12.22 2.09
C LYS E 12 8.78 11.69 3.41
N ARG E 13 8.52 12.40 4.51
CA ARG E 13 8.94 12.02 5.85
C ARG E 13 7.73 11.43 6.56
N GLU E 14 7.68 10.09 6.65
CA GLU E 14 6.56 9.35 7.22
C GLU E 14 6.79 8.85 8.62
N CYS E 15 5.75 8.96 9.44
CA CYS E 15 5.69 8.51 10.83
C CYS E 15 4.51 7.58 10.93
N HIS E 16 4.77 6.28 11.18
CA HIS E 16 3.74 5.24 11.30
C HIS E 16 3.61 4.83 12.76
N PHE E 17 2.39 4.92 13.30
CA PHE E 17 2.10 4.66 14.70
C PHE E 17 1.26 3.41 14.89
N PHE E 18 1.64 2.59 15.88
CA PHE E 18 0.97 1.35 16.26
C PHE E 18 0.81 1.39 17.78
N ASN E 19 -0.41 1.14 18.29
CA ASN E 19 -0.78 1.16 19.72
C ASN E 19 -0.33 2.49 20.35
N GLY E 20 -0.78 3.60 19.75
CA GLY E 20 -0.42 4.95 20.18
C GLY E 20 1.01 5.26 19.80
N THR E 21 1.90 5.34 20.80
CA THR E 21 3.33 5.59 20.58
C THR E 21 4.19 4.42 21.03
N GLU E 22 3.57 3.24 21.29
CA GLU E 22 4.28 2.03 21.73
C GLU E 22 5.29 1.59 20.67
N ARG E 23 4.83 1.38 19.44
CA ARG E 23 5.68 1.03 18.29
C ARG E 23 5.53 2.14 17.25
N VAL E 24 6.65 2.80 16.92
CA VAL E 24 6.70 3.88 15.95
C VAL E 24 7.77 3.56 14.90
N ARG E 25 7.44 3.75 13.61
CA ARG E 25 8.34 3.51 12.49
C ARG E 25 8.46 4.76 11.62
N PHE E 26 9.71 5.21 11.40
CA PHE E 26 10.03 6.38 10.60
C PHE E 26 10.66 5.99 9.25
N LEU E 27 10.15 6.61 8.17
CA LEU E 27 10.65 6.43 6.81
C LEU E 27 10.89 7.79 6.15
N ASP E 28 12.13 8.05 5.71
CA ASP E 28 12.49 9.27 5.01
C ASP E 28 12.70 8.82 3.57
N ARG E 29 11.69 9.07 2.73
CA ARG E 29 11.66 8.59 1.35
C ARG E 29 11.77 9.72 0.33
N TYR E 30 12.47 9.43 -0.78
CA TYR E 30 12.69 10.42 -1.83
C TYR E 30 12.23 9.87 -3.16
N PHE E 31 11.42 10.65 -3.89
CA PHE E 31 10.87 10.28 -5.21
C PHE E 31 11.28 11.28 -6.27
N TYR E 32 11.91 10.81 -7.34
CA TYR E 32 12.27 11.63 -8.50
C TYR E 32 11.38 11.19 -9.64
N ASN E 33 10.53 12.11 -10.12
CA ASN E 33 9.54 11.86 -11.18
C ASN E 33 8.63 10.66 -10.86
N GLN E 34 8.06 10.66 -9.62
CA GLN E 34 7.14 9.66 -9.06
C GLN E 34 7.81 8.30 -8.69
N GLU E 35 9.13 8.17 -8.93
CA GLU E 35 9.87 6.93 -8.69
C GLU E 35 10.81 7.06 -7.51
N GLU E 36 10.63 6.20 -6.48
CA GLU E 36 11.47 6.16 -5.28
C GLU E 36 12.90 5.80 -5.64
N SER E 37 13.84 6.65 -5.28
CA SER E 37 15.27 6.45 -5.57
C SER E 37 16.08 6.04 -4.34
N VAL E 38 15.77 6.62 -3.18
CA VAL E 38 16.51 6.38 -1.93
C VAL E 38 15.58 6.51 -0.71
N ARG E 39 15.85 5.73 0.34
CA ARG E 39 15.00 5.69 1.53
C ARG E 39 15.79 5.33 2.79
N PHE E 40 15.42 5.97 3.91
CA PHE E 40 15.87 5.63 5.25
C PHE E 40 14.65 4.99 5.93
N ASP E 41 14.82 3.80 6.47
CA ASP E 41 13.76 3.09 7.19
C ASP E 41 14.33 2.81 8.58
N SER E 42 13.61 3.23 9.65
CA SER E 42 14.01 3.05 11.05
C SER E 42 14.26 1.59 11.45
N ASP E 43 13.57 0.65 10.75
CA ASP E 43 13.71 -0.80 10.94
C ASP E 43 15.04 -1.31 10.34
N VAL E 44 15.67 -0.51 9.46
CA VAL E 44 16.95 -0.83 8.83
C VAL E 44 18.07 -0.09 9.59
N GLY E 45 17.86 1.18 9.90
CA GLY E 45 18.84 1.97 10.65
C GLY E 45 19.84 2.73 9.79
N GLU E 46 19.71 2.61 8.45
CA GLU E 46 20.54 3.35 7.52
C GLU E 46 19.86 3.48 6.16
N PHE E 47 20.38 4.38 5.32
CA PHE E 47 19.85 4.67 4.00
C PHE E 47 20.13 3.53 3.03
N ARG E 48 19.15 3.24 2.19
CA ARG E 48 19.24 2.20 1.18
C ARG E 48 18.74 2.74 -0.15
N ALA E 49 19.44 2.42 -1.23
CA ALA E 49 19.06 2.81 -2.58
C ALA E 49 17.90 1.92 -3.03
N VAL E 50 16.88 2.53 -3.63
CA VAL E 50 15.70 1.86 -4.16
C VAL E 50 15.93 1.64 -5.66
N THR E 51 16.61 2.61 -6.31
CA THR E 51 17.02 2.55 -7.72
C THR E 51 18.51 2.89 -7.78
N GLU E 52 19.16 2.73 -8.94
CA GLU E 52 20.57 3.08 -9.11
C GLU E 52 20.78 4.58 -9.00
N LEU E 53 19.74 5.39 -9.30
CA LEU E 53 19.77 6.85 -9.17
C LEU E 53 20.02 7.31 -7.73
N GLY E 54 19.54 6.53 -6.76
CA GLY E 54 19.67 6.85 -5.34
C GLY E 54 20.92 6.32 -4.66
N ARG E 55 21.69 5.48 -5.36
CA ARG E 55 22.92 4.89 -4.82
C ARG E 55 23.93 5.95 -4.32
N PRO E 56 24.26 7.05 -5.08
CA PRO E 56 25.20 8.05 -4.55
C PRO E 56 24.77 8.69 -3.24
N ASP E 57 23.47 8.95 -3.07
CA ASP E 57 22.88 9.56 -1.87
C ASP E 57 22.90 8.62 -0.66
N ALA E 58 22.56 7.34 -0.88
CA ALA E 58 22.56 6.30 0.17
C ALA E 58 23.97 6.16 0.73
N GLU E 59 24.99 6.05 -0.15
CA GLU E 59 26.40 5.94 0.25
C GLU E 59 26.89 7.22 0.94
N TYR E 60 26.57 8.39 0.37
CA TYR E 60 26.96 9.69 0.93
C TYR E 60 26.34 9.97 2.30
N TRP E 61 25.02 9.79 2.45
CA TRP E 61 24.30 10.01 3.71
C TRP E 61 24.70 9.00 4.79
N ASN E 62 25.02 7.75 4.40
CA ASN E 62 25.49 6.71 5.33
C ASN E 62 26.92 6.95 5.81
N SER E 63 27.72 7.71 5.03
CA SER E 63 29.10 8.05 5.39
C SER E 63 29.16 9.14 6.45
N GLN E 64 28.06 9.90 6.63
CA GLN E 64 27.98 10.99 7.60
C GLN E 64 27.24 10.58 8.87
N LYS E 65 27.99 10.30 9.95
CA LYS E 65 27.44 9.88 11.25
C LYS E 65 26.35 10.83 11.80
N ASP E 66 26.51 12.15 11.57
CA ASP E 66 25.55 13.18 11.98
C ASP E 66 24.16 12.98 11.34
N ILE E 67 24.11 12.73 10.00
CA ILE E 67 22.88 12.49 9.23
C ILE E 67 22.21 11.21 9.73
N LEU E 68 22.99 10.12 9.88
CA LEU E 68 22.53 8.83 10.38
C LEU E 68 21.93 8.92 11.79
N GLU E 69 22.59 9.67 12.70
CA GLU E 69 22.15 9.84 14.08
C GLU E 69 20.87 10.63 14.19
N GLN E 70 20.69 11.64 13.32
CA GLN E 70 19.47 12.46 13.25
C GLN E 70 18.28 11.59 12.80
N ALA E 71 18.50 10.73 11.78
CA ALA E 71 17.50 9.83 11.23
C ALA E 71 17.13 8.71 12.21
N ARG E 72 18.12 8.16 12.93
CA ARG E 72 17.91 7.12 13.94
C ARG E 72 17.15 7.66 15.18
N ALA E 73 17.25 8.97 15.44
CA ALA E 73 16.60 9.65 16.56
C ALA E 73 15.18 10.14 16.26
N ALA E 74 14.82 10.24 14.96
CA ALA E 74 13.53 10.74 14.47
C ALA E 74 12.29 10.11 15.09
N VAL E 75 12.31 8.78 15.37
CA VAL E 75 11.16 8.10 16.00
C VAL E 75 10.74 8.76 17.31
N ASP E 76 11.72 9.30 18.07
CA ASP E 76 11.51 9.95 19.36
C ASP E 76 11.42 11.47 19.28
N THR E 77 12.40 12.11 18.61
CA THR E 77 12.53 13.56 18.50
C THR E 77 11.59 14.20 17.47
N TYR E 78 11.09 13.40 16.52
CA TYR E 78 10.25 13.92 15.45
C TYR E 78 8.85 13.27 15.45
N CYS E 79 8.77 11.94 15.30
CA CYS E 79 7.52 11.16 15.26
C CYS E 79 6.71 11.28 16.54
N ARG E 80 7.26 10.79 17.66
CA ARG E 80 6.60 10.80 18.97
C ARG E 80 6.28 12.22 19.43
N HIS E 81 7.17 13.19 19.13
CA HIS E 81 6.96 14.61 19.47
C HIS E 81 5.74 15.20 18.76
N ASN E 82 5.67 15.09 17.41
CA ASN E 82 4.59 15.62 16.57
C ASN E 82 3.25 14.93 16.82
N TYR E 83 3.26 13.65 17.21
CA TYR E 83 2.04 12.90 17.56
C TYR E 83 1.38 13.57 18.77
N GLY E 84 2.20 13.92 19.77
CA GLY E 84 1.76 14.57 21.01
C GLY E 84 1.25 15.99 20.80
N VAL E 85 1.87 16.74 19.88
CA VAL E 85 1.53 18.12 19.55
C VAL E 85 0.06 18.25 19.05
N GLY E 86 -0.34 17.36 18.13
CA GLY E 86 -1.66 17.40 17.52
C GLY E 86 -2.70 16.39 17.96
N GLU E 87 -2.33 15.48 18.89
CA GLU E 87 -3.16 14.40 19.42
C GLU E 87 -4.61 14.79 19.77
N SER E 88 -4.79 15.93 20.48
CA SER E 88 -6.08 16.43 20.93
C SER E 88 -7.07 16.78 19.81
N PHE E 89 -6.57 17.16 18.61
CA PHE E 89 -7.42 17.55 17.48
C PHE E 89 -7.30 16.64 16.25
N THR E 90 -6.49 15.58 16.33
CA THR E 90 -6.29 14.63 15.22
C THR E 90 -6.71 13.23 15.66
N VAL E 91 -5.92 12.60 16.55
CA VAL E 91 -6.17 11.28 17.10
C VAL E 91 -7.51 11.27 17.89
N GLN E 92 -7.75 12.29 18.74
CA GLN E 92 -8.95 12.39 19.57
C GLN E 92 -10.20 12.90 18.82
N ARG E 93 -10.02 13.44 17.60
CA ARG E 93 -11.10 13.97 16.77
C ARG E 93 -12.23 12.95 16.50
N ARG E 94 -13.45 13.30 16.93
CA ARG E 94 -14.66 12.51 16.75
C ARG E 94 -15.81 13.44 16.35
N VAL E 95 -16.36 13.20 15.14
CA VAL E 95 -17.49 13.97 14.58
C VAL E 95 -18.54 12.94 14.19
N GLN E 96 -19.76 13.08 14.76
CA GLN E 96 -20.85 12.15 14.50
C GLN E 96 -21.44 12.33 13.11
N PRO E 97 -21.70 11.23 12.39
CA PRO E 97 -22.37 11.38 11.08
C PRO E 97 -23.81 11.84 11.22
N LYS E 98 -24.22 12.74 10.32
CA LYS E 98 -25.59 13.20 10.16
C LYS E 98 -26.21 12.07 9.33
N VAL E 99 -27.14 11.31 9.93
CA VAL E 99 -27.77 10.18 9.25
C VAL E 99 -29.19 10.52 8.81
N THR E 100 -29.43 10.40 7.48
CA THR E 100 -30.71 10.68 6.80
C THR E 100 -31.08 9.46 5.97
N VAL E 101 -32.38 9.12 5.94
CA VAL E 101 -32.92 8.02 5.14
C VAL E 101 -34.03 8.56 4.22
N TYR E 102 -33.86 8.39 2.91
CA TYR E 102 -34.81 8.86 1.90
C TYR E 102 -35.00 7.89 0.73
N PRO E 103 -36.20 7.79 0.11
CA PRO E 103 -36.34 6.90 -1.05
C PRO E 103 -35.83 7.57 -2.33
N SER E 104 -35.51 6.75 -3.33
CA SER E 104 -34.98 7.18 -4.64
C SER E 104 -35.25 6.12 -5.71
N LYS E 105 -34.82 6.40 -6.95
CA LYS E 105 -35.02 5.53 -8.11
C LYS E 105 -33.67 5.10 -8.73
N THR E 106 -33.64 3.88 -9.31
CA THR E 106 -32.47 3.33 -10.00
C THR E 106 -32.35 4.00 -11.37
N GLN E 107 -33.50 4.23 -12.03
CA GLN E 107 -33.64 4.88 -13.33
C GLN E 107 -34.86 5.83 -13.31
N PRO E 108 -34.82 7.01 -13.97
CA PRO E 108 -35.98 7.91 -13.93
C PRO E 108 -37.11 7.51 -14.88
N LEU E 109 -37.62 6.27 -14.72
CA LEU E 109 -38.70 5.67 -15.50
C LEU E 109 -39.56 4.74 -14.63
N GLN E 110 -39.23 4.61 -13.33
CA GLN E 110 -39.93 3.75 -12.37
C GLN E 110 -40.16 4.43 -11.00
N HIS E 111 -40.98 3.80 -10.12
CA HIS E 111 -41.25 4.28 -8.77
C HIS E 111 -40.04 4.10 -7.83
N HIS E 112 -40.17 4.51 -6.54
CA HIS E 112 -39.12 4.37 -5.53
C HIS E 112 -38.75 2.88 -5.36
N ASN E 113 -37.56 2.50 -5.86
CA ASN E 113 -37.05 1.12 -5.82
C ASN E 113 -35.63 1.06 -5.23
N LEU E 114 -35.23 2.13 -4.52
CA LEU E 114 -33.91 2.29 -3.92
C LEU E 114 -34.02 3.12 -2.63
N LEU E 115 -33.66 2.54 -1.48
CA LEU E 115 -33.68 3.25 -0.20
C LEU E 115 -32.28 3.73 0.11
N VAL E 116 -32.11 5.04 0.24
CA VAL E 116 -30.80 5.64 0.47
C VAL E 116 -30.57 5.99 1.95
N CYS E 117 -29.43 5.54 2.51
CA CYS E 117 -28.98 5.92 3.84
C CYS E 117 -27.77 6.83 3.68
N SER E 118 -28.01 8.13 3.82
CA SER E 118 -27.00 9.18 3.73
C SER E 118 -26.32 9.30 5.10
N VAL E 119 -24.99 9.10 5.13
CA VAL E 119 -24.14 9.17 6.32
C VAL E 119 -23.08 10.23 6.01
N SER E 120 -23.24 11.47 6.51
CA SER E 120 -22.32 12.56 6.14
C SER E 120 -21.74 13.38 7.30
N GLY E 121 -20.63 14.07 7.01
CA GLY E 121 -19.90 14.94 7.92
C GLY E 121 -19.26 14.27 9.11
N PHE E 122 -18.82 12.99 8.98
CA PHE E 122 -18.19 12.27 10.09
C PHE E 122 -16.65 12.21 10.04
N TYR E 123 -16.04 12.00 11.20
CA TYR E 123 -14.60 11.80 11.37
C TYR E 123 -14.39 10.90 12.61
N PRO E 124 -13.54 9.83 12.55
CA PRO E 124 -12.71 9.36 11.43
C PRO E 124 -13.49 8.59 10.34
N GLY E 125 -12.77 8.17 9.30
CA GLY E 125 -13.35 7.43 8.17
C GLY E 125 -13.88 6.05 8.46
N SER E 126 -13.47 5.45 9.59
CA SER E 126 -13.89 4.11 10.00
C SER E 126 -15.38 4.07 10.30
N ILE E 127 -16.15 3.34 9.48
CA ILE E 127 -17.60 3.24 9.61
C ILE E 127 -18.16 1.89 9.17
N GLU E 128 -19.31 1.51 9.73
CA GLU E 128 -20.07 0.32 9.36
C GLU E 128 -21.52 0.73 9.20
N VAL E 129 -22.08 0.50 8.01
CA VAL E 129 -23.46 0.85 7.71
C VAL E 129 -24.21 -0.43 7.33
N ARG E 130 -25.26 -0.76 8.10
CA ARG E 130 -26.08 -1.95 7.90
C ARG E 130 -27.55 -1.57 7.67
N TRP E 131 -28.24 -2.36 6.84
CA TRP E 131 -29.65 -2.17 6.54
C TRP E 131 -30.44 -3.30 7.17
N PHE E 132 -31.58 -2.96 7.79
CA PHE E 132 -32.46 -3.93 8.43
C PHE E 132 -33.89 -3.81 7.93
N LEU E 133 -34.56 -4.95 7.75
CA LEU E 133 -35.97 -5.04 7.38
C LEU E 133 -36.66 -5.85 8.46
N ASN E 134 -37.54 -5.19 9.24
CA ASN E 134 -38.30 -5.77 10.36
C ASN E 134 -37.38 -6.53 11.35
N GLY E 135 -36.31 -5.86 11.77
CA GLY E 135 -35.31 -6.38 12.69
C GLY E 135 -34.31 -7.39 12.12
N GLN E 136 -34.48 -7.77 10.84
CA GLN E 136 -33.60 -8.74 10.18
C GLN E 136 -32.65 -8.08 9.19
N GLU E 137 -31.34 -8.40 9.26
CA GLU E 137 -30.34 -7.78 8.41
C GLU E 137 -30.44 -8.17 6.95
N GLU E 138 -30.47 -7.15 6.08
CA GLU E 138 -30.52 -7.32 4.63
C GLU E 138 -29.11 -7.13 4.06
N LYS E 139 -28.47 -8.25 3.69
CA LYS E 139 -27.11 -8.28 3.15
C LYS E 139 -27.11 -8.07 1.63
N ALA E 140 -27.99 -8.77 0.89
CA ALA E 140 -28.11 -8.68 -0.56
C ALA E 140 -28.82 -7.40 -0.99
N GLY E 141 -28.49 -6.91 -2.19
CA GLY E 141 -29.07 -5.70 -2.76
C GLY E 141 -28.51 -4.40 -2.22
N MET E 142 -27.27 -4.41 -1.71
CA MET E 142 -26.66 -3.19 -1.19
C MET E 142 -25.58 -2.63 -2.10
N VAL E 143 -25.73 -1.36 -2.49
CA VAL E 143 -24.77 -0.61 -3.30
C VAL E 143 -24.43 0.64 -2.52
N SER E 144 -23.14 0.93 -2.42
CA SER E 144 -22.63 2.09 -1.73
C SER E 144 -21.68 2.87 -2.65
N THR E 145 -21.47 4.14 -2.32
CA THR E 145 -20.53 5.03 -3.01
C THR E 145 -19.12 4.69 -2.52
N GLY E 146 -19.05 4.01 -1.38
CA GLY E 146 -17.80 3.72 -0.70
C GLY E 146 -17.48 4.90 0.19
N LEU E 147 -16.29 4.92 0.78
CA LEU E 147 -15.91 6.02 1.64
C LEU E 147 -15.40 7.23 0.84
N ILE E 148 -16.03 8.38 1.05
CA ILE E 148 -15.66 9.62 0.36
C ILE E 148 -15.04 10.61 1.36
N GLN E 149 -13.81 11.04 1.06
CA GLN E 149 -13.06 12.00 1.87
C GLN E 149 -13.38 13.39 1.27
N ASN E 150 -14.00 14.29 2.07
CA ASN E 150 -14.38 15.64 1.63
C ASN E 150 -13.22 16.65 1.58
N GLY E 151 -12.11 16.31 2.24
CA GLY E 151 -10.90 17.14 2.28
C GLY E 151 -10.88 18.23 3.33
N ASP E 152 -11.91 18.29 4.20
CA ASP E 152 -12.04 19.29 5.26
C ASP E 152 -12.17 18.61 6.63
N TRP E 153 -11.60 17.41 6.75
CA TRP E 153 -11.60 16.55 7.95
C TRP E 153 -12.98 15.93 8.19
N THR E 154 -13.75 15.69 7.13
CA THR E 154 -15.05 15.01 7.19
C THR E 154 -15.13 13.99 6.07
N PHE E 155 -15.91 12.94 6.31
CA PHE E 155 -16.14 11.86 5.37
C PHE E 155 -17.63 11.73 5.13
N GLN E 156 -17.99 11.17 3.97
CA GLN E 156 -19.37 10.90 3.61
C GLN E 156 -19.49 9.58 2.85
N THR E 157 -20.69 8.99 2.89
CA THR E 157 -21.03 7.74 2.23
C THR E 157 -22.55 7.63 2.03
N LEU E 158 -22.97 6.96 0.96
CA LEU E 158 -24.38 6.70 0.66
C LEU E 158 -24.49 5.21 0.52
N VAL E 159 -25.28 4.58 1.39
CA VAL E 159 -25.51 3.14 1.35
C VAL E 159 -26.98 2.93 0.95
N MET E 160 -27.16 2.41 -0.25
CA MET E 160 -28.46 2.19 -0.89
C MET E 160 -28.90 0.74 -0.85
N LEU E 161 -30.17 0.51 -0.56
CA LEU E 161 -30.78 -0.80 -0.55
C LEU E 161 -31.71 -0.90 -1.75
N GLU E 162 -31.51 -1.94 -2.57
CA GLU E 162 -32.31 -2.22 -3.76
C GLU E 162 -33.49 -3.06 -3.28
N THR E 163 -34.65 -2.39 -3.12
CA THR E 163 -35.88 -3.00 -2.64
C THR E 163 -37.12 -2.27 -3.16
N VAL E 164 -38.24 -2.99 -3.23
CA VAL E 164 -39.52 -2.38 -3.58
C VAL E 164 -40.26 -2.33 -2.24
N PRO E 165 -40.39 -1.13 -1.63
CA PRO E 165 -41.04 -1.03 -0.32
C PRO E 165 -42.53 -1.35 -0.36
N ARG E 166 -42.94 -2.27 0.51
CA ARG E 166 -44.34 -2.68 0.66
C ARG E 166 -44.86 -2.03 1.92
N SER E 167 -46.11 -1.50 1.89
CA SER E 167 -46.75 -0.84 3.03
C SER E 167 -46.68 -1.68 4.30
N GLY E 168 -46.41 -1.02 5.42
CA GLY E 168 -46.27 -1.66 6.72
C GLY E 168 -44.84 -2.04 7.09
N GLU E 169 -43.94 -2.16 6.08
CA GLU E 169 -42.53 -2.51 6.27
C GLU E 169 -41.76 -1.36 6.93
N VAL E 170 -40.97 -1.69 7.95
CA VAL E 170 -40.12 -0.74 8.68
C VAL E 170 -38.67 -1.08 8.40
N TYR E 171 -37.97 -0.18 7.71
CA TYR E 171 -36.55 -0.33 7.36
C TYR E 171 -35.71 0.49 8.32
N THR E 172 -34.59 -0.08 8.80
CA THR E 172 -33.69 0.63 9.70
C THR E 172 -32.28 0.67 9.16
N CYS E 173 -31.69 1.87 9.16
CA CYS E 173 -30.30 2.03 8.80
C CYS E 173 -29.51 2.14 10.10
N GLN E 174 -28.65 1.16 10.37
CA GLN E 174 -27.81 1.13 11.57
C GLN E 174 -26.39 1.58 11.19
N VAL E 175 -25.87 2.59 11.92
CA VAL E 175 -24.55 3.14 11.71
C VAL E 175 -23.65 2.96 12.94
N GLU E 176 -22.51 2.29 12.72
CA GLU E 176 -21.48 2.06 13.73
C GLU E 176 -20.29 2.95 13.35
N HIS E 177 -19.85 3.79 14.29
CA HIS E 177 -18.76 4.75 14.13
C HIS E 177 -18.15 5.06 15.52
N PRO E 178 -16.82 5.32 15.62
CA PRO E 178 -16.21 5.61 16.93
C PRO E 178 -16.81 6.75 17.76
N SER E 179 -17.45 7.75 17.12
CA SER E 179 -18.07 8.88 17.82
C SER E 179 -19.29 8.50 18.69
N VAL E 180 -19.94 7.37 18.39
CA VAL E 180 -21.13 6.92 19.09
C VAL E 180 -20.87 5.60 19.84
N THR E 181 -21.10 5.60 21.18
CA THR E 181 -20.91 4.42 22.03
C THR E 181 -21.99 3.39 21.69
N SER E 182 -23.26 3.85 21.57
CA SER E 182 -24.40 3.05 21.13
C SER E 182 -24.54 3.28 19.60
N PRO E 183 -24.85 2.24 18.78
CA PRO E 183 -24.99 2.48 17.32
C PRO E 183 -26.20 3.36 16.98
N LEU E 184 -26.04 4.22 15.96
CA LEU E 184 -27.09 5.12 15.47
C LEU E 184 -28.10 4.35 14.64
N THR E 185 -29.39 4.66 14.80
CA THR E 185 -30.47 4.06 14.03
C THR E 185 -31.42 5.13 13.50
N VAL E 186 -31.82 4.98 12.22
CA VAL E 186 -32.79 5.84 11.54
C VAL E 186 -33.80 4.90 10.85
N GLU E 187 -35.07 5.02 11.25
CA GLU E 187 -36.17 4.22 10.70
C GLU E 187 -36.87 4.92 9.57
N TRP E 188 -37.38 4.11 8.62
CA TRP E 188 -38.16 4.58 7.47
C TRP E 188 -39.31 3.61 7.25
N ARG E 189 -40.54 4.15 7.22
CA ARG E 189 -41.75 3.38 7.02
C ARG E 189 -42.39 3.70 5.68
N ALA E 190 -42.88 2.68 4.99
CA ALA E 190 -43.56 2.81 3.70
C ALA E 190 -44.95 3.43 3.90
N ARG F 1 3.87 22.54 22.12
CA ARG F 1 2.84 22.84 21.12
C ARG F 1 3.43 23.22 19.74
N PHE F 2 4.76 23.07 19.56
CA PHE F 2 5.38 23.39 18.27
C PHE F 2 5.65 22.15 17.43
N TYR F 3 5.17 22.14 16.18
CA TYR F 3 5.42 21.04 15.24
C TYR F 3 6.87 21.14 14.79
N LYS F 4 7.61 20.03 14.89
CA LYS F 4 9.02 20.00 14.49
C LYS F 4 9.16 19.52 13.05
N THR F 5 10.02 20.20 12.28
CA THR F 5 10.33 19.89 10.88
C THR F 5 11.52 18.94 10.82
N LEU F 6 11.42 17.88 9.99
CA LEU F 6 12.61 17.05 9.77
C LEU F 6 13.41 17.82 8.71
N ARG F 7 14.59 18.31 9.11
CA ARG F 7 15.44 19.14 8.26
C ARG F 7 15.96 18.40 7.04
N ALA F 8 15.75 18.99 5.86
CA ALA F 8 16.17 18.43 4.58
C ALA F 8 17.69 18.45 4.45
N GLU F 9 18.26 17.35 3.97
CA GLU F 9 19.70 17.21 3.75
C GLU F 9 20.04 17.23 2.26
N GLN F 10 21.19 17.82 1.92
CA GLN F 10 21.61 17.89 0.52
C GLN F 10 22.16 16.55 0.03
N ALA F 11 21.84 16.22 -1.22
CA ALA F 11 22.27 15.02 -1.94
C ALA F 11 23.73 15.19 -2.38
N SER F 12 24.36 14.13 -2.90
CA SER F 12 25.74 14.22 -3.39
C SER F 12 25.79 14.73 -4.86
N GLN F 13 26.75 15.61 -5.25
CA GLN F 13 27.80 16.22 -4.43
C GLN F 13 27.92 17.73 -4.65
#